data_6HEG
#
_entry.id   6HEG
#
_cell.length_a   48.550
_cell.length_b   106.372
_cell.length_c   180.005
_cell.angle_alpha   90.00
_cell.angle_beta   90.00
_cell.angle_gamma   90.00
#
_symmetry.space_group_name_H-M   'P 21 21 21'
#
loop_
_entity.id
_entity.type
_entity.pdbx_description
1 polymer 'ATP-dependent RNA helicase HrpB'
2 non-polymer "ADENOSINE-5'-DIPHOSPHATE"
3 non-polymer 'TETRAFLUOROALUMINATE ION'
4 non-polymer 'PHOSPHATE ION'
#
_entity_poly.entity_id   1
_entity_poly.type   'polypeptide(L)'
_entity_poly.pdbx_seq_one_letter_code
;MSSLPVAAVLPELLTALDCAPQVLLSAPTGAGKSTWLPLQLLAHPGINGKIILLEPRRLAARNVAQRLAELLNEKPGDTV
GYRMRAQNCVGPNTRLEVVTEGVLTRMIQRDPELSGVGLVILDEFHERSLQADLALALLLDVQQGLRDDLKLLIMSATLD
NDRLQQMLPEAPVVISEGRSFPVERRYLPLPAHQRFDDAVAVATAEMLRQESGSLLLFLPGVGEIQRVQEQLASRIGSDV
LLCPLYGALSLNDQRKAILPAPQGMRKVVLATNIAETSLTIEGIRLVVDCAQERVARFDPRTGLTRLITQRVSQASMTQR
AGRAGRLEPGISLHLIAKEQAERAAAQSEPEILQSDLSGLLMELLQWGCSDPAQMSWLDQPPVVNLLAAKRLLQMLGALE
GERLSAQGQKMAALGNDPRLAAMLVSAKNDDEAATAAKIAAILEEPPRMGNSDLGVAFSRNQPAWQQRSQQLLKRLNVRG
GEADSSLIAPLLAGAFADRIARRRGQDGRYQLANGMGAMLDANDALSRHEWLIAPLLLQGSASPDARILLALLVDIDELV
QRCPQLVQQSDTVEWDDAQGTLKAWRRLQIGQLTVKVQPLAKPSEDELHQAMLNGIRDKGLSVLNWTAEAEQLRLRLLCA
AKWLPEYDWPAVDDESLLAALETWLLPHMTGVHSLRGLKSLDIYQALRGLLDWGMQQRLDSELPAHYTVPTGSRIAIRYH
EDNPPALAVRMQEMFGEATNPTIAQGRVPLVLELLSPAQRPLQITRDLSDFWKGAYREVQKEMKGRYPKHVWPDDPANTA
PTRRTKKYS
;
_entity_poly.pdbx_strand_id   A
#
# COMPACT_ATOMS: atom_id res chain seq x y z
N SER A 3 23.67 10.47 -35.96
CA SER A 3 22.31 10.19 -35.50
C SER A 3 22.29 9.51 -34.13
N LEU A 4 21.10 9.18 -33.66
CA LEU A 4 20.87 8.57 -32.36
C LEU A 4 20.88 7.05 -32.46
N PRO A 5 21.30 6.36 -31.39
CA PRO A 5 21.42 4.89 -31.46
C PRO A 5 20.11 4.18 -31.74
N VAL A 6 18.97 4.84 -31.63
CA VAL A 6 17.70 4.16 -31.85
C VAL A 6 17.36 4.07 -33.33
N ALA A 7 17.85 5.02 -34.14
CA ALA A 7 17.59 4.98 -35.56
C ALA A 7 17.95 3.64 -36.19
N ALA A 8 18.93 2.94 -35.62
CA ALA A 8 19.36 1.66 -36.18
C ALA A 8 18.23 0.64 -36.27
N VAL A 9 17.21 0.77 -35.42
CA VAL A 9 16.08 -0.15 -35.42
C VAL A 9 14.82 0.51 -35.95
N LEU A 10 14.92 1.74 -36.46
CA LEU A 10 13.75 2.41 -37.03
C LEU A 10 13.05 1.56 -38.09
N PRO A 11 13.74 1.00 -39.11
CA PRO A 11 13.03 0.17 -40.09
C PRO A 11 12.31 -1.02 -39.46
N GLU A 12 13.06 -1.85 -38.71
CA GLU A 12 12.47 -3.01 -38.04
C GLU A 12 11.25 -2.62 -37.21
N LEU A 13 11.40 -1.58 -36.39
CA LEU A 13 10.27 -1.08 -35.62
C LEU A 13 9.06 -0.88 -36.52
N LEU A 14 9.22 -0.06 -37.57
CA LEU A 14 8.13 0.16 -38.50
C LEU A 14 7.59 -1.16 -39.02
N THR A 15 8.49 -2.04 -39.48
CA THR A 15 8.03 -3.29 -40.08
C THR A 15 7.28 -4.15 -39.08
N ALA A 16 7.45 -3.89 -37.78
CA ALA A 16 6.69 -4.59 -36.77
C ALA A 16 5.45 -3.82 -36.32
N LEU A 17 5.46 -2.48 -36.42
CA LEU A 17 4.30 -1.70 -36.00
C LEU A 17 3.08 -1.94 -36.87
N ASP A 18 3.24 -2.61 -38.01
CA ASP A 18 2.11 -2.88 -38.89
C ASP A 18 1.74 -4.36 -38.93
N CYS A 19 2.51 -5.23 -38.31
CA CYS A 19 2.23 -6.65 -38.28
C CYS A 19 1.56 -7.11 -36.99
N ALA A 20 1.41 -6.23 -36.00
CA ALA A 20 0.89 -6.65 -34.71
C ALA A 20 0.14 -5.50 -34.04
N PRO A 21 -0.85 -5.80 -33.20
CA PRO A 21 -1.53 -4.74 -32.45
C PRO A 21 -0.66 -4.14 -31.36
N GLN A 22 0.39 -4.85 -30.94
CA GLN A 22 1.25 -4.35 -29.89
C GLN A 22 2.70 -4.60 -30.26
N VAL A 23 3.57 -3.69 -29.84
CA VAL A 23 5.00 -3.78 -30.09
C VAL A 23 5.74 -3.31 -28.84
N LEU A 24 6.79 -4.04 -28.48
CA LEU A 24 7.61 -3.72 -27.31
C LEU A 24 9.00 -3.35 -27.80
N LEU A 25 9.47 -2.16 -27.45
CA LEU A 25 10.78 -1.70 -27.83
C LEU A 25 11.60 -1.43 -26.58
N SER A 26 12.79 -2.02 -26.50
CA SER A 26 13.69 -1.81 -25.39
C SER A 26 15.02 -1.28 -25.91
N ALA A 27 15.44 -0.14 -25.38
CA ALA A 27 16.71 0.51 -25.73
C ALA A 27 17.22 1.30 -24.53
N PRO A 28 18.53 1.32 -24.30
CA PRO A 28 19.06 1.95 -23.09
C PRO A 28 18.69 3.43 -23.02
N THR A 29 18.98 4.03 -21.87
CA THR A 29 18.71 5.45 -21.71
C THR A 29 19.72 6.25 -22.51
N GLY A 30 19.23 7.26 -23.23
CA GLY A 30 20.07 8.05 -24.11
C GLY A 30 19.91 7.78 -25.60
N ALA A 31 19.00 6.90 -25.99
CA ALA A 31 18.82 6.53 -27.40
C ALA A 31 17.65 7.26 -28.05
N GLY A 32 17.22 8.41 -27.51
CA GLY A 32 16.21 9.21 -28.19
C GLY A 32 14.88 8.53 -28.42
N LYS A 33 14.48 7.61 -27.53
CA LYS A 33 13.13 7.04 -27.60
C LYS A 33 12.07 8.10 -27.38
N SER A 34 12.36 9.13 -26.58
CA SER A 34 11.35 10.13 -26.25
C SER A 34 11.39 11.35 -27.15
N THR A 35 12.52 11.64 -27.79
CA THR A 35 12.65 12.86 -28.56
C THR A 35 12.96 12.65 -30.03
N TRP A 36 13.25 11.42 -30.46
CA TRP A 36 13.48 11.17 -31.87
C TRP A 36 12.45 10.22 -32.47
N LEU A 37 12.15 9.14 -31.77
CA LEU A 37 11.26 8.12 -32.33
C LEU A 37 9.85 8.63 -32.59
N PRO A 38 9.22 9.38 -31.68
CA PRO A 38 7.86 9.89 -31.96
C PRO A 38 7.75 10.64 -33.27
N LEU A 39 8.68 11.56 -33.54
CA LEU A 39 8.64 12.33 -34.77
C LEU A 39 8.77 11.44 -36.00
N GLN A 40 9.71 10.49 -35.96
CA GLN A 40 9.91 9.59 -37.09
C GLN A 40 8.72 8.67 -37.30
N LEU A 41 7.91 8.42 -36.27
CA LEU A 41 6.67 7.67 -36.45
C LEU A 41 5.55 8.57 -36.95
N LEU A 42 5.60 9.86 -36.64
CA LEU A 42 4.63 10.80 -37.22
C LEU A 42 4.74 10.81 -38.73
N ALA A 43 5.94 11.06 -39.25
CA ALA A 43 6.18 11.11 -40.69
C ALA A 43 6.33 9.69 -41.25
N HIS A 44 5.30 8.89 -41.00
CA HIS A 44 5.22 7.53 -41.53
C HIS A 44 3.78 7.21 -41.90
N PRO A 45 3.52 6.86 -43.17
CA PRO A 45 2.13 6.64 -43.61
C PRO A 45 1.48 5.39 -43.01
N GLY A 46 2.26 4.47 -42.45
CA GLY A 46 1.67 3.26 -41.91
C GLY A 46 0.70 3.53 -40.77
N ILE A 47 1.06 4.44 -39.87
CA ILE A 47 0.19 4.81 -38.76
C ILE A 47 -0.76 5.91 -39.21
N ASN A 48 -2.05 5.73 -38.93
CA ASN A 48 -3.07 6.69 -39.31
C ASN A 48 -3.56 7.44 -38.08
N GLY A 49 -3.99 8.68 -38.30
CA GLY A 49 -4.46 9.49 -37.20
C GLY A 49 -3.32 10.14 -36.44
N LYS A 50 -3.64 10.55 -35.22
CA LYS A 50 -2.68 11.16 -34.33
C LYS A 50 -2.16 10.14 -33.34
N ILE A 51 -1.03 10.48 -32.72
CA ILE A 51 -0.36 9.63 -31.75
C ILE A 51 -0.31 10.35 -30.41
N ILE A 52 -0.54 9.59 -29.34
CA ILE A 52 -0.42 10.10 -27.98
C ILE A 52 0.73 9.36 -27.32
N LEU A 53 1.55 10.11 -26.60
CA LEU A 53 2.75 9.60 -25.93
C LEU A 53 2.60 9.82 -24.43
N LEU A 54 2.53 8.74 -23.67
CA LEU A 54 2.33 8.81 -22.23
C LEU A 54 3.67 8.97 -21.52
N GLU A 55 3.81 10.06 -20.76
CA GLU A 55 4.98 10.33 -19.93
C GLU A 55 4.58 10.33 -18.46
N PRO A 56 4.88 9.26 -17.72
CA PRO A 56 4.35 9.15 -16.35
C PRO A 56 4.90 10.16 -15.36
N ARG A 57 6.11 10.71 -15.59
CA ARG A 57 6.77 11.55 -14.59
C ARG A 57 6.18 12.96 -14.53
N ARG A 58 6.13 13.63 -15.67
CA ARG A 58 5.80 15.04 -15.92
C ARG A 58 6.88 16.07 -15.58
N LEU A 59 8.02 15.68 -14.99
CA LEU A 59 9.22 16.50 -15.17
C LEU A 59 9.83 16.25 -16.54
N ALA A 60 9.64 15.03 -17.06
CA ALA A 60 10.02 14.67 -18.41
C ALA A 60 8.95 14.97 -19.44
N ALA A 61 7.68 15.06 -19.04
CA ALA A 61 6.61 15.23 -20.04
C ALA A 61 6.68 16.62 -20.69
N ARG A 62 6.56 17.67 -19.88
CA ARG A 62 6.79 19.03 -20.37
C ARG A 62 8.09 19.12 -21.16
N ASN A 63 9.16 18.54 -20.60
CA ASN A 63 10.47 18.61 -21.23
C ASN A 63 10.47 17.88 -22.57
N VAL A 64 9.84 16.71 -22.65
CA VAL A 64 9.87 15.97 -23.91
C VAL A 64 8.99 16.64 -24.97
N ALA A 65 7.90 17.30 -24.56
CA ALA A 65 7.14 18.11 -25.51
C ALA A 65 7.99 19.26 -26.05
N GLN A 66 8.68 19.98 -25.15
CA GLN A 66 9.57 21.06 -25.60
C GLN A 66 10.68 20.53 -26.51
N ARG A 67 11.25 19.38 -26.17
CA ARG A 67 12.33 18.80 -26.99
C ARG A 67 11.81 18.41 -28.38
N LEU A 68 10.70 17.69 -28.43
CA LEU A 68 10.14 17.27 -29.72
C LEU A 68 9.68 18.44 -30.56
N ALA A 69 9.23 19.54 -29.93
CA ALA A 69 8.90 20.72 -30.70
C ALA A 69 10.16 21.39 -31.25
N GLU A 70 11.15 21.62 -30.39
CA GLU A 70 12.42 22.18 -30.84
C GLU A 70 13.04 21.36 -31.97
N LEU A 71 12.84 20.04 -31.97
CA LEU A 71 13.42 19.22 -33.02
C LEU A 71 12.77 19.47 -34.38
N LEU A 72 11.63 20.15 -34.39
CA LEU A 72 11.01 20.57 -35.63
C LEU A 72 10.98 22.09 -35.78
N ASN A 73 11.55 22.83 -34.83
CA ASN A 73 11.50 24.29 -34.84
C ASN A 73 10.08 24.81 -34.57
N GLU A 74 9.29 24.01 -33.83
CA GLU A 74 7.84 24.12 -33.84
C GLU A 74 7.23 24.77 -32.59
N LYS A 75 8.02 25.08 -31.54
CA LYS A 75 7.38 25.85 -30.47
C LYS A 75 6.08 25.24 -29.94
N PRO A 76 6.14 24.12 -29.19
CA PRO A 76 5.01 23.19 -29.05
C PRO A 76 3.62 23.76 -28.89
N GLY A 77 2.73 23.27 -29.76
CA GLY A 77 1.40 23.81 -29.97
C GLY A 77 1.09 23.78 -31.44
N ASP A 78 2.13 23.80 -32.29
CA ASP A 78 1.91 23.78 -33.73
C ASP A 78 1.65 22.36 -34.24
N THR A 79 2.58 21.43 -34.00
CA THR A 79 2.36 20.03 -34.32
C THR A 79 2.56 19.09 -33.14
N VAL A 80 3.31 19.49 -32.13
CA VAL A 80 3.53 18.69 -30.94
C VAL A 80 2.91 19.41 -29.77
N GLY A 81 1.99 18.75 -29.07
CA GLY A 81 1.36 19.37 -27.93
C GLY A 81 1.49 18.54 -26.67
N TYR A 82 0.82 18.97 -25.61
CA TYR A 82 0.84 18.19 -24.37
C TYR A 82 -0.39 18.53 -23.55
N ARG A 83 -0.82 17.58 -22.74
CA ARG A 83 -1.92 17.76 -21.80
C ARG A 83 -1.41 17.43 -20.40
N MET A 84 -1.54 18.39 -19.47
CA MET A 84 -1.28 18.16 -18.05
C MET A 84 -2.61 18.02 -17.32
N ARG A 85 -2.54 17.84 -16.00
CA ARG A 85 -3.78 17.71 -15.23
C ARG A 85 -4.61 18.99 -15.28
N ALA A 86 -3.96 20.14 -15.14
CA ALA A 86 -4.66 21.43 -15.07
C ALA A 86 -4.73 22.15 -16.41
N GLN A 87 -3.64 22.12 -17.20
CA GLN A 87 -3.60 22.83 -18.47
C GLN A 87 -3.20 21.89 -19.61
N ASN A 88 -3.00 22.45 -20.80
CA ASN A 88 -2.63 21.66 -21.97
C ASN A 88 -2.35 22.61 -23.13
N CYS A 89 -1.78 22.05 -24.20
CA CYS A 89 -1.33 22.86 -25.33
C CYS A 89 -1.56 22.05 -26.60
N VAL A 90 -2.66 22.35 -27.31
CA VAL A 90 -2.97 21.67 -28.56
C VAL A 90 -3.62 22.64 -29.53
N GLY A 91 -3.32 22.45 -30.81
CA GLY A 91 -3.91 23.25 -31.87
C GLY A 91 -4.30 22.37 -33.03
N PRO A 92 -5.13 22.90 -33.93
CA PRO A 92 -5.66 22.07 -35.03
C PRO A 92 -4.64 21.23 -35.75
N ASN A 93 -3.40 21.71 -35.91
CA ASN A 93 -2.43 20.99 -36.72
C ASN A 93 -1.58 20.01 -35.92
N THR A 94 -1.76 19.96 -34.59
CA THR A 94 -1.00 19.02 -33.77
C THR A 94 -1.66 17.64 -33.83
N ARG A 95 -0.90 16.64 -34.29
CA ARG A 95 -1.39 15.27 -34.28
C ARG A 95 -0.45 14.37 -33.49
N LEU A 96 0.27 14.94 -32.53
CA LEU A 96 1.04 14.17 -31.56
C LEU A 96 0.99 14.93 -30.24
N GLU A 97 0.51 14.25 -29.19
CA GLU A 97 0.29 14.90 -27.90
C GLU A 97 0.90 14.09 -26.77
N VAL A 98 1.72 14.74 -25.96
CA VAL A 98 2.34 14.12 -24.79
C VAL A 98 1.41 14.32 -23.60
N VAL A 99 1.08 13.23 -22.92
CA VAL A 99 0.10 13.24 -21.84
C VAL A 99 0.70 12.66 -20.57
N THR A 100 0.07 12.99 -19.45
CA THR A 100 0.58 12.64 -18.15
C THR A 100 -0.48 12.94 -17.10
N GLU A 101 -0.22 12.50 -15.86
CA GLU A 101 -1.05 12.78 -14.70
C GLU A 101 -2.41 12.09 -14.82
N GLY A 102 -2.41 10.89 -15.38
CA GLY A 102 -3.63 10.14 -15.57
C GLY A 102 -4.58 10.78 -16.54
N VAL A 103 -4.10 11.72 -17.36
CA VAL A 103 -4.99 12.36 -18.33
C VAL A 103 -5.42 11.34 -19.37
N LEU A 104 -4.56 10.36 -19.66
CA LEU A 104 -4.91 9.34 -20.65
C LEU A 104 -6.03 8.43 -20.15
N THR A 105 -5.97 8.02 -18.87
CA THR A 105 -7.03 7.15 -18.38
C THR A 105 -8.38 7.87 -18.47
N ARG A 106 -8.40 9.15 -18.13
CA ARG A 106 -9.61 9.94 -18.26
C ARG A 106 -10.02 10.07 -19.72
N MET A 107 -9.06 10.28 -20.60
CA MET A 107 -9.35 10.46 -22.02
C MET A 107 -9.97 9.20 -22.61
N ILE A 108 -9.54 8.03 -22.13
CA ILE A 108 -10.13 6.76 -22.58
C ILE A 108 -11.51 6.55 -21.97
N GLN A 109 -11.68 6.92 -20.70
CA GLN A 109 -13.01 6.91 -20.11
C GLN A 109 -13.99 7.75 -20.93
N ARG A 110 -13.56 8.95 -21.34
CA ARG A 110 -14.42 9.89 -22.04
C ARG A 110 -14.60 9.54 -23.51
N ASP A 111 -13.61 8.90 -24.14
CA ASP A 111 -13.70 8.47 -25.54
C ASP A 111 -13.13 7.08 -25.65
N PRO A 112 -13.92 6.05 -25.31
CA PRO A 112 -13.37 4.69 -25.31
C PRO A 112 -13.01 4.15 -26.70
N GLU A 113 -13.31 4.87 -27.78
CA GLU A 113 -12.83 4.47 -29.10
C GLU A 113 -11.61 5.26 -29.53
N LEU A 114 -11.16 6.23 -28.73
CA LEU A 114 -9.97 7.02 -29.03
C LEU A 114 -9.97 7.45 -30.49
N SER A 115 -11.12 7.95 -30.91
CA SER A 115 -11.27 8.40 -32.29
C SER A 115 -10.23 9.45 -32.62
N GLY A 116 -9.60 9.31 -33.78
CA GLY A 116 -8.56 10.22 -34.18
C GLY A 116 -7.16 9.75 -33.87
N VAL A 117 -7.01 8.59 -33.25
CA VAL A 117 -5.70 8.11 -32.80
C VAL A 117 -5.43 6.75 -33.43
N GLY A 118 -4.25 6.60 -34.00
CA GLY A 118 -3.87 5.31 -34.53
C GLY A 118 -2.70 4.70 -33.79
N LEU A 119 -2.08 5.50 -32.92
CA LEU A 119 -0.94 5.05 -32.16
C LEU A 119 -1.04 5.56 -30.73
N VAL A 120 -0.67 4.72 -29.78
CA VAL A 120 -0.49 5.14 -28.41
C VAL A 120 0.85 4.62 -27.94
N ILE A 121 1.66 5.51 -27.37
CA ILE A 121 3.02 5.17 -26.96
C ILE A 121 3.12 5.26 -25.44
N LEU A 122 3.36 4.12 -24.81
CA LEU A 122 3.52 4.04 -23.36
C LEU A 122 5.02 4.11 -23.06
N ASP A 123 5.49 5.30 -22.72
CA ASP A 123 6.91 5.53 -22.47
C ASP A 123 7.27 5.18 -21.03
N GLU A 124 8.55 4.89 -20.81
CA GLU A 124 9.07 4.62 -19.47
C GLU A 124 8.20 3.61 -18.74
N PHE A 125 8.01 2.47 -19.38
CA PHE A 125 7.14 1.45 -18.81
C PHE A 125 7.83 0.63 -17.75
N HIS A 126 9.16 0.56 -17.77
CA HIS A 126 9.86 -0.24 -16.76
C HIS A 126 9.66 0.34 -15.36
N GLU A 127 9.40 1.65 -15.25
CA GLU A 127 9.18 2.22 -13.92
C GLU A 127 7.95 1.64 -13.22
N ARG A 128 7.07 0.96 -13.98
CA ARG A 128 5.94 0.23 -13.42
C ARG A 128 4.94 1.13 -12.69
N SER A 129 4.84 2.38 -13.12
CA SER A 129 3.85 3.30 -12.55
C SER A 129 2.46 2.67 -12.61
N LEU A 130 1.59 3.09 -11.67
CA LEU A 130 0.22 2.59 -11.67
C LEU A 130 -0.60 3.22 -12.78
N GLN A 131 -0.30 4.47 -13.13
CA GLN A 131 -0.96 5.11 -14.26
C GLN A 131 -0.79 4.27 -15.53
N ALA A 132 0.45 3.84 -15.82
CA ALA A 132 0.69 3.09 -17.06
C ALA A 132 0.04 1.72 -17.03
N ASP A 133 0.03 1.07 -15.86
CA ASP A 133 -0.63 -0.24 -15.74
C ASP A 133 -2.11 -0.14 -16.07
N LEU A 134 -2.79 0.81 -15.42
CA LEU A 134 -4.21 1.03 -15.71
C LEU A 134 -4.42 1.37 -17.19
N ALA A 135 -3.59 2.27 -17.73
CA ALA A 135 -3.74 2.67 -19.11
C ALA A 135 -3.62 1.48 -20.04
N LEU A 136 -2.63 0.62 -19.79
CA LEU A 136 -2.44 -0.53 -20.65
C LEU A 136 -3.65 -1.45 -20.59
N ALA A 137 -4.18 -1.69 -19.38
CA ALA A 137 -5.39 -2.52 -19.27
C ALA A 137 -6.53 -1.93 -20.09
N LEU A 138 -6.73 -0.61 -19.99
CA LEU A 138 -7.78 0.03 -20.77
C LEU A 138 -7.54 -0.09 -22.27
N LEU A 139 -6.30 0.12 -22.72
CA LEU A 139 -6.00 0.05 -24.15
C LEU A 139 -6.24 -1.36 -24.67
N LEU A 140 -5.72 -2.36 -23.97
CA LEU A 140 -5.93 -3.74 -24.40
C LEU A 140 -7.41 -4.06 -24.46
N ASP A 141 -8.22 -3.49 -23.55
CA ASP A 141 -9.65 -3.70 -23.63
C ASP A 141 -10.27 -2.96 -24.82
N VAL A 142 -9.67 -1.85 -25.23
CA VAL A 142 -10.17 -1.13 -26.40
C VAL A 142 -9.83 -1.86 -27.68
N GLN A 143 -8.68 -2.53 -27.73
CA GLN A 143 -8.30 -3.31 -28.91
C GLN A 143 -9.13 -4.58 -29.09
N GLN A 144 -10.10 -4.85 -28.20
CA GLN A 144 -11.02 -5.98 -28.31
C GLN A 144 -12.26 -5.64 -29.12
N GLY A 145 -12.82 -4.45 -28.89
CA GLY A 145 -13.98 -3.94 -29.57
C GLY A 145 -13.54 -3.35 -30.89
N LEU A 146 -14.05 -2.18 -31.24
CA LEU A 146 -13.64 -1.58 -32.50
C LEU A 146 -12.27 -0.96 -32.25
N ARG A 147 -11.77 -0.19 -33.20
CA ARG A 147 -10.38 0.25 -33.13
C ARG A 147 -9.45 -0.94 -33.02
N ASP A 148 -9.77 -1.99 -33.78
CA ASP A 148 -8.81 -3.06 -34.01
C ASP A 148 -7.50 -2.52 -34.58
N ASP A 149 -7.60 -1.48 -35.40
CA ASP A 149 -6.47 -0.85 -36.07
C ASP A 149 -5.53 -0.10 -35.12
N LEU A 150 -5.92 0.06 -33.86
CA LEU A 150 -5.14 0.90 -32.95
C LEU A 150 -3.82 0.23 -32.58
N LYS A 151 -2.72 0.93 -32.82
CA LYS A 151 -1.40 0.40 -32.55
C LYS A 151 -0.92 0.86 -31.17
N LEU A 152 -0.30 -0.06 -30.45
CA LEU A 152 0.22 0.17 -29.11
C LEU A 152 1.73 -0.05 -29.14
N LEU A 153 2.49 0.99 -28.86
CA LEU A 153 3.93 0.86 -28.78
C LEU A 153 4.34 1.06 -27.31
N ILE A 154 4.92 0.03 -26.71
CA ILE A 154 5.32 0.05 -25.30
C ILE A 154 6.83 0.14 -25.25
N MET A 155 7.34 1.27 -24.79
CA MET A 155 8.78 1.52 -24.71
C MET A 155 9.28 1.24 -23.30
N SER A 156 10.27 0.34 -23.18
CA SER A 156 10.97 0.09 -21.94
C SER A 156 12.45 0.35 -22.13
N ALA A 157 13.17 0.55 -21.02
CA ALA A 157 14.57 0.93 -21.05
C ALA A 157 15.48 -0.14 -20.46
N THR A 158 14.93 -1.28 -20.10
CA THR A 158 15.68 -2.40 -19.56
C THR A 158 15.67 -3.52 -20.58
N LEU A 159 16.80 -4.24 -20.67
CA LEU A 159 16.89 -5.28 -21.68
C LEU A 159 15.89 -6.40 -21.39
N ASP A 160 15.78 -6.81 -20.13
CA ASP A 160 14.85 -7.86 -19.72
C ASP A 160 13.51 -7.27 -19.28
N ASN A 161 12.41 -7.74 -19.86
CA ASN A 161 11.06 -7.45 -19.37
C ASN A 161 10.32 -8.78 -19.24
N ASP A 162 10.45 -9.42 -18.07
CA ASP A 162 9.86 -10.73 -17.84
C ASP A 162 8.34 -10.72 -17.98
N ARG A 163 7.67 -9.92 -17.14
CA ARG A 163 6.21 -9.93 -17.07
C ARG A 163 5.58 -9.49 -18.37
N LEU A 164 6.28 -8.64 -19.13
CA LEU A 164 5.66 -8.02 -20.29
C LEU A 164 5.57 -9.02 -21.44
N GLN A 165 6.68 -9.70 -21.75
CA GLN A 165 6.59 -10.83 -22.66
C GLN A 165 5.62 -11.88 -22.14
N GLN A 166 5.65 -12.15 -20.83
CA GLN A 166 4.73 -13.15 -20.29
C GLN A 166 3.26 -12.80 -20.49
N MET A 167 2.93 -11.53 -20.70
CA MET A 167 1.55 -11.16 -20.90
C MET A 167 1.19 -10.88 -22.35
N LEU A 168 2.13 -10.43 -23.16
CA LEU A 168 1.88 -10.19 -24.58
C LEU A 168 2.84 -11.06 -25.40
N PRO A 169 2.88 -12.37 -25.16
CA PRO A 169 3.92 -13.19 -25.79
C PRO A 169 3.80 -13.29 -27.30
N GLU A 170 2.74 -12.74 -27.89
CA GLU A 170 2.57 -12.70 -29.34
C GLU A 170 2.92 -11.33 -29.91
N ALA A 171 3.79 -10.58 -29.23
CA ALA A 171 4.10 -9.20 -29.58
C ALA A 171 5.57 -9.04 -29.94
N PRO A 172 5.89 -8.37 -31.04
CA PRO A 172 7.28 -8.27 -31.49
C PRO A 172 8.14 -7.45 -30.53
N VAL A 173 9.29 -8.02 -30.15
CA VAL A 173 10.26 -7.39 -29.26
C VAL A 173 11.40 -6.85 -30.12
N VAL A 174 11.53 -5.53 -30.17
CA VAL A 174 12.64 -4.86 -30.82
C VAL A 174 13.61 -4.42 -29.75
N ILE A 175 14.91 -4.62 -30.00
CA ILE A 175 15.93 -4.43 -28.98
C ILE A 175 17.10 -3.66 -29.56
N SER A 176 17.45 -2.53 -28.96
CA SER A 176 18.58 -1.69 -29.35
C SER A 176 19.76 -1.93 -28.43
N GLU A 177 20.91 -1.44 -28.87
CA GLU A 177 22.21 -1.69 -28.23
C GLU A 177 23.01 -0.40 -28.29
N GLY A 178 24.31 -0.49 -27.97
CA GLY A 178 25.18 0.60 -28.35
C GLY A 178 26.10 1.28 -27.35
N ARG A 179 25.96 2.61 -27.24
CA ARG A 179 27.03 3.49 -26.78
C ARG A 179 27.17 3.35 -25.27
N SER A 180 27.76 2.23 -24.87
CA SER A 180 27.99 1.89 -23.47
C SER A 180 29.48 1.73 -23.24
N PHE A 181 30.01 2.52 -22.35
CA PHE A 181 31.36 2.49 -21.82
C PHE A 181 31.37 1.84 -20.44
N PRO A 182 32.47 1.19 -20.04
CA PRO A 182 32.52 0.60 -18.70
C PRO A 182 32.75 1.67 -17.64
N VAL A 183 32.08 1.52 -16.51
CA VAL A 183 32.26 2.43 -15.37
C VAL A 183 32.73 1.61 -14.18
N GLU A 184 33.83 2.04 -13.57
CA GLU A 184 34.33 1.39 -12.37
C GLU A 184 33.35 1.63 -11.23
N ARG A 185 32.90 0.54 -10.62
CA ARG A 185 31.94 0.59 -9.53
C ARG A 185 32.71 0.67 -8.21
N ARG A 186 32.44 1.71 -7.44
CA ARG A 186 33.07 1.95 -6.15
C ARG A 186 32.01 2.05 -5.07
N TYR A 187 32.33 1.56 -3.87
CA TYR A 187 31.39 1.58 -2.77
C TYR A 187 32.02 2.23 -1.56
N LEU A 188 31.32 3.20 -0.98
CA LEU A 188 31.80 3.94 0.18
C LEU A 188 30.66 4.04 1.18
N PRO A 189 30.65 3.22 2.22
CA PRO A 189 29.62 3.35 3.25
C PRO A 189 29.76 4.67 3.99
N LEU A 190 28.58 5.29 4.35
CA LEU A 190 28.58 6.57 5.05
C LEU A 190 28.72 6.37 6.55
N PRO A 191 29.38 7.29 7.25
CA PRO A 191 29.53 7.17 8.70
C PRO A 191 28.25 7.53 9.45
N ALA A 192 28.14 7.01 10.66
CA ALA A 192 26.96 7.21 11.51
C ALA A 192 27.07 8.44 12.39
N HIS A 193 28.28 8.94 12.64
CA HIS A 193 28.42 10.16 13.42
C HIS A 193 28.23 11.42 12.58
N GLN A 194 28.03 11.28 11.27
CA GLN A 194 27.83 12.42 10.39
C GLN A 194 26.38 12.47 9.92
N ARG A 195 25.92 13.67 9.63
CA ARG A 195 24.58 13.80 9.08
C ARG A 195 24.57 13.30 7.64
N PHE A 196 23.37 13.11 7.09
CA PHE A 196 23.25 12.61 5.74
C PHE A 196 23.77 13.62 4.73
N ASP A 197 23.23 14.85 4.76
CA ASP A 197 23.70 15.89 3.85
C ASP A 197 25.21 16.11 3.99
N ASP A 198 25.71 16.16 5.23
CA ASP A 198 27.13 16.40 5.44
C ASP A 198 27.97 15.29 4.83
N ALA A 199 27.60 14.03 5.06
CA ALA A 199 28.43 12.92 4.60
C ALA A 199 28.38 12.81 3.07
N VAL A 200 27.20 12.99 2.48
CA VAL A 200 27.11 12.95 1.03
C VAL A 200 27.95 14.08 0.43
N ALA A 201 27.90 15.27 1.03
CA ALA A 201 28.70 16.38 0.49
C ALA A 201 30.18 16.07 0.60
N VAL A 202 30.62 15.52 1.74
CA VAL A 202 32.04 15.20 1.90
C VAL A 202 32.46 14.19 0.84
N ALA A 203 31.65 13.16 0.62
CA ALA A 203 31.98 12.14 -0.37
C ALA A 203 32.06 12.72 -1.78
N THR A 204 31.08 13.56 -2.14
CA THR A 204 31.08 14.18 -3.46
C THR A 204 32.28 15.09 -3.65
N ALA A 205 32.62 15.90 -2.64
CA ALA A 205 33.77 16.80 -2.78
C ALA A 205 35.06 16.00 -2.90
N GLU A 206 35.19 14.93 -2.12
CA GLU A 206 36.36 14.07 -2.26
C GLU A 206 36.45 13.54 -3.69
N MET A 207 35.35 13.06 -4.24
CA MET A 207 35.41 12.54 -5.60
C MET A 207 35.83 13.62 -6.59
N LEU A 208 35.19 14.78 -6.54
CA LEU A 208 35.57 15.87 -7.45
C LEU A 208 37.06 16.17 -7.36
N ARG A 209 37.62 16.17 -6.15
CA ARG A 209 39.06 16.40 -6.00
C ARG A 209 39.92 15.20 -6.40
N GLN A 210 39.33 14.03 -6.59
CA GLN A 210 40.12 12.84 -6.92
C GLN A 210 39.90 12.34 -8.34
N GLU A 211 38.89 12.85 -9.05
CA GLU A 211 38.57 12.38 -10.39
C GLU A 211 38.18 13.57 -11.25
N SER A 212 38.27 13.39 -12.56
CA SER A 212 37.97 14.46 -13.49
C SER A 212 36.60 14.29 -14.13
N GLY A 213 36.05 15.40 -14.59
CA GLY A 213 34.80 15.41 -15.32
C GLY A 213 33.65 15.94 -14.47
N SER A 214 32.48 15.96 -15.09
CA SER A 214 31.29 16.39 -14.37
C SER A 214 30.67 15.21 -13.63
N LEU A 215 29.82 15.54 -12.67
CA LEU A 215 29.32 14.54 -11.73
C LEU A 215 27.81 14.63 -11.63
N LEU A 216 27.17 13.46 -11.62
CA LEU A 216 25.73 13.34 -11.41
C LEU A 216 25.50 12.68 -10.05
N LEU A 217 24.60 13.24 -9.26
CA LEU A 217 24.40 12.82 -7.87
C LEU A 217 22.92 12.54 -7.64
N PHE A 218 22.60 11.29 -7.30
CA PHE A 218 21.21 10.89 -7.07
C PHE A 218 20.87 11.00 -5.59
N LEU A 219 19.74 11.64 -5.29
CA LEU A 219 19.27 11.86 -3.93
C LEU A 219 17.80 11.54 -3.83
N PRO A 220 17.27 11.43 -2.60
CA PRO A 220 15.90 10.95 -2.43
C PRO A 220 14.83 12.01 -2.62
N GLY A 221 15.18 13.28 -2.64
CA GLY A 221 14.14 14.30 -2.79
C GLY A 221 14.71 15.70 -2.91
N VAL A 222 13.84 16.68 -2.78
CA VAL A 222 14.23 18.07 -2.98
C VAL A 222 14.88 18.65 -1.73
N GLY A 223 14.40 18.28 -0.54
CA GLY A 223 15.07 18.73 0.69
C GLY A 223 16.49 18.22 0.81
N GLU A 224 16.68 16.93 0.53
CA GLU A 224 18.04 16.38 0.44
C GLU A 224 18.88 17.15 -0.56
N ILE A 225 18.31 17.42 -1.74
CA ILE A 225 19.03 18.17 -2.76
C ILE A 225 19.48 19.52 -2.23
N GLN A 226 18.56 20.27 -1.64
CA GLN A 226 18.87 21.61 -1.19
C GLN A 226 19.90 21.60 -0.06
N ARG A 227 19.75 20.71 0.91
CA ARG A 227 20.72 20.66 2.00
C ARG A 227 22.10 20.22 1.49
N VAL A 228 22.15 19.22 0.61
CA VAL A 228 23.43 18.75 0.08
C VAL A 228 24.10 19.83 -0.76
N GLN A 229 23.31 20.64 -1.48
CA GLN A 229 23.87 21.75 -2.24
C GLN A 229 24.46 22.81 -1.32
N GLU A 230 23.70 23.22 -0.30
CA GLU A 230 24.22 24.20 0.64
C GLU A 230 25.51 23.73 1.27
N GLN A 231 25.59 22.43 1.59
CA GLN A 231 26.81 21.91 2.18
C GLN A 231 27.95 21.91 1.17
N LEU A 232 27.68 21.49 -0.07
CA LEU A 232 28.70 21.46 -1.11
C LEU A 232 29.30 22.84 -1.33
N ALA A 233 28.49 23.88 -1.19
CA ALA A 233 28.97 25.23 -1.43
C ALA A 233 30.39 25.44 -0.89
N SER A 234 30.64 25.00 0.35
CA SER A 234 31.91 25.30 1.01
C SER A 234 33.06 24.42 0.51
N ARG A 235 32.80 23.13 0.31
CA ARG A 235 33.86 22.16 0.01
C ARG A 235 34.23 22.10 -1.47
N ILE A 236 33.74 23.01 -2.31
CA ILE A 236 33.88 22.93 -3.75
C ILE A 236 34.56 24.18 -4.29
N GLY A 237 35.43 23.98 -5.28
CA GLY A 237 36.17 25.05 -5.90
C GLY A 237 35.28 25.97 -6.72
N SER A 238 35.95 26.83 -7.50
CA SER A 238 35.28 27.89 -8.24
C SER A 238 34.85 27.47 -9.63
N ASP A 239 35.45 26.42 -10.19
CA ASP A 239 35.10 25.96 -11.52
C ASP A 239 34.02 24.86 -11.50
N VAL A 240 33.23 24.79 -10.43
CA VAL A 240 32.20 23.78 -10.30
C VAL A 240 30.85 24.48 -10.24
N LEU A 241 29.94 24.08 -11.13
CA LEU A 241 28.60 24.62 -11.19
C LEU A 241 27.63 23.62 -10.59
N LEU A 242 26.97 24.00 -9.49
CA LEU A 242 25.96 23.18 -8.85
C LEU A 242 24.60 23.41 -9.52
N CYS A 243 24.04 22.36 -10.12
CA CYS A 243 22.78 22.47 -10.84
C CYS A 243 21.73 21.54 -10.25
N PRO A 244 20.77 22.07 -9.51
CA PRO A 244 19.67 21.22 -9.02
C PRO A 244 18.90 20.63 -10.19
N LEU A 245 18.07 19.63 -9.87
CA LEU A 245 17.18 19.05 -10.87
C LEU A 245 15.99 18.45 -10.14
N TYR A 246 14.83 19.09 -10.24
CA TYR A 246 13.63 18.59 -9.59
C TYR A 246 12.45 19.45 -10.00
N GLY A 247 11.25 18.88 -9.90
CA GLY A 247 10.07 19.70 -9.96
C GLY A 247 10.05 20.55 -11.21
N ALA A 248 10.17 21.85 -11.02
CA ALA A 248 10.34 22.80 -12.12
C ALA A 248 11.03 24.03 -11.57
N LEU A 249 12.16 24.45 -12.19
CA LEU A 249 12.64 25.73 -11.67
C LEU A 249 12.66 26.88 -12.67
N SER A 250 13.19 26.75 -13.91
CA SER A 250 12.54 27.43 -15.02
C SER A 250 12.47 26.64 -16.32
N LEU A 251 12.92 25.39 -16.34
CA LEU A 251 13.16 24.61 -17.56
C LEU A 251 14.40 25.16 -18.27
N ASN A 252 14.96 26.26 -17.77
CA ASN A 252 16.16 26.94 -18.28
C ASN A 252 17.40 26.43 -17.55
N ASP A 253 17.40 26.56 -16.23
CA ASP A 253 18.39 25.90 -15.41
C ASP A 253 18.21 24.39 -15.43
N GLN A 254 16.99 23.92 -15.70
CA GLN A 254 16.82 22.49 -15.96
C GLN A 254 17.68 22.08 -17.16
N ARG A 255 17.57 22.80 -18.28
CA ARG A 255 18.51 22.58 -19.37
C ARG A 255 19.94 22.94 -18.99
N LYS A 256 20.10 23.80 -17.97
CA LYS A 256 21.41 24.15 -17.43
C LYS A 256 22.11 22.94 -16.84
N ALA A 257 21.34 22.03 -16.26
CA ALA A 257 21.84 20.78 -15.71
C ALA A 257 21.87 19.68 -16.77
N ILE A 258 20.88 19.62 -17.67
CA ILE A 258 20.92 18.63 -18.74
C ILE A 258 22.06 18.90 -19.70
N LEU A 259 22.23 20.17 -20.10
CA LEU A 259 23.25 20.53 -21.07
C LEU A 259 24.65 20.39 -20.49
N PRO A 260 25.66 20.23 -21.34
CA PRO A 260 27.03 20.14 -20.85
C PRO A 260 27.46 21.42 -20.15
N ALA A 261 28.61 21.35 -19.57
CA ALA A 261 29.07 22.49 -18.80
C ALA A 261 29.95 23.38 -19.68
N PRO A 262 29.69 24.68 -19.70
CA PRO A 262 30.49 25.59 -20.53
C PRO A 262 31.99 25.36 -20.31
N GLN A 263 32.73 25.33 -21.43
CA GLN A 263 34.13 24.96 -21.39
C GLN A 263 34.87 25.72 -20.30
N GLY A 264 35.83 25.04 -19.68
CA GLY A 264 36.51 25.58 -18.52
C GLY A 264 35.75 25.42 -17.23
N MET A 265 34.72 24.57 -17.21
CA MET A 265 33.90 24.37 -16.03
C MET A 265 33.42 22.93 -15.98
N ARG A 266 33.36 22.38 -14.77
CA ARG A 266 32.71 21.11 -14.50
C ARG A 266 31.42 21.38 -13.76
N LYS A 267 30.44 20.49 -13.90
CA LYS A 267 29.17 20.69 -13.25
C LYS A 267 28.81 19.48 -12.40
N VAL A 268 28.16 19.73 -11.28
CA VAL A 268 27.59 18.70 -10.43
C VAL A 268 26.07 18.84 -10.49
N VAL A 269 25.43 17.88 -11.11
CA VAL A 269 23.97 17.85 -11.21
C VAL A 269 23.42 17.10 -10.00
N LEU A 270 22.45 17.72 -9.31
CA LEU A 270 21.85 17.14 -8.10
C LEU A 270 20.41 16.73 -8.41
N ALA A 271 20.22 15.45 -8.72
CA ALA A 271 18.98 14.97 -9.31
C ALA A 271 18.30 13.95 -8.43
N THR A 272 16.98 13.96 -8.49
CA THR A 272 16.18 12.87 -7.97
C THR A 272 16.29 11.69 -8.94
N ASN A 273 15.55 10.63 -8.66
CA ASN A 273 15.61 9.47 -9.54
C ASN A 273 15.02 9.78 -10.91
N ILE A 274 14.57 11.02 -11.12
CA ILE A 274 14.09 11.47 -12.43
C ILE A 274 15.20 11.46 -13.47
N ALA A 275 16.46 11.50 -13.04
CA ALA A 275 17.60 11.35 -13.94
C ALA A 275 18.07 9.90 -14.03
N GLU A 276 17.31 8.96 -13.45
CA GLU A 276 17.70 7.56 -13.54
C GLU A 276 17.51 7.03 -14.95
N THR A 277 16.30 7.15 -15.48
CA THR A 277 16.04 6.87 -16.89
C THR A 277 15.24 7.94 -17.62
N SER A 278 14.48 8.78 -16.92
CA SER A 278 13.59 9.72 -17.59
C SER A 278 14.35 10.77 -18.38
N LEU A 279 15.36 11.37 -17.75
CA LEU A 279 16.10 12.48 -18.34
C LEU A 279 17.54 12.12 -18.61
N THR A 280 18.09 12.70 -19.67
CA THR A 280 19.43 12.39 -20.14
C THR A 280 20.36 13.55 -19.80
N ILE A 281 21.22 13.35 -18.82
CA ILE A 281 22.18 14.36 -18.42
C ILE A 281 23.40 14.25 -19.33
N GLU A 282 23.94 15.40 -19.75
CA GLU A 282 25.04 15.44 -20.70
C GLU A 282 26.36 15.73 -20.00
N GLY A 283 27.44 15.19 -20.57
CA GLY A 283 28.78 15.46 -20.08
C GLY A 283 29.17 14.68 -18.85
N ILE A 284 28.36 13.74 -18.40
CA ILE A 284 28.63 13.05 -17.15
C ILE A 284 29.54 11.85 -17.40
N ARG A 285 30.54 11.72 -16.53
CA ARG A 285 31.30 10.48 -16.39
C ARG A 285 31.47 10.05 -14.94
N LEU A 286 31.10 10.88 -13.96
CA LEU A 286 31.14 10.55 -12.55
C LEU A 286 29.74 10.57 -11.98
N VAL A 287 29.34 9.48 -11.34
CA VAL A 287 28.05 9.41 -10.67
C VAL A 287 28.27 9.13 -9.20
N VAL A 288 27.53 9.83 -8.35
CA VAL A 288 27.50 9.56 -6.92
C VAL A 288 26.06 9.20 -6.57
N ASP A 289 25.85 7.97 -6.11
CA ASP A 289 24.54 7.44 -5.79
C ASP A 289 24.43 7.29 -4.27
N CYS A 290 23.49 8.03 -3.66
CA CYS A 290 23.32 7.91 -2.21
C CYS A 290 22.71 6.58 -1.81
N ALA A 291 22.13 5.86 -2.76
CA ALA A 291 21.58 4.53 -2.57
C ALA A 291 20.37 4.49 -1.62
N GLN A 292 19.78 5.65 -1.32
CA GLN A 292 18.56 5.73 -0.54
C GLN A 292 17.48 6.41 -1.36
N GLU A 293 16.24 5.98 -1.19
CA GLU A 293 15.15 6.54 -1.97
C GLU A 293 13.87 6.45 -1.16
N ARG A 294 12.91 7.32 -1.50
CA ARG A 294 11.64 7.43 -0.78
C ARG A 294 10.55 6.74 -1.60
N VAL A 295 9.99 5.66 -1.06
CA VAL A 295 8.92 4.93 -1.72
C VAL A 295 7.65 5.01 -0.87
N ALA A 296 6.52 4.81 -1.54
CA ALA A 296 5.21 4.88 -0.93
C ALA A 296 4.72 3.48 -0.56
N ARG A 297 4.18 3.34 0.64
CA ARG A 297 3.57 2.08 1.07
C ARG A 297 2.23 2.39 1.70
N PHE A 298 1.16 1.92 1.06
CA PHE A 298 -0.18 2.08 1.58
C PHE A 298 -0.38 1.20 2.81
N ASP A 299 -1.17 1.68 3.77
CA ASP A 299 -1.41 0.97 5.03
C ASP A 299 -2.90 0.74 5.21
N PRO A 300 -3.42 -0.42 4.77
CA PRO A 300 -4.86 -0.68 4.92
C PRO A 300 -5.42 -0.42 6.31
N ARG A 301 -4.63 -0.63 7.36
CA ARG A 301 -5.11 -0.36 8.71
C ARG A 301 -5.47 1.12 8.86
N THR A 302 -4.50 2.00 8.59
CA THR A 302 -4.66 3.42 8.85
C THR A 302 -5.19 4.21 7.66
N GLY A 303 -5.27 3.59 6.48
CA GLY A 303 -5.69 4.33 5.31
C GLY A 303 -4.72 5.40 4.85
N LEU A 304 -3.48 5.37 5.35
CA LEU A 304 -2.45 6.33 4.97
C LEU A 304 -1.42 5.68 4.07
N THR A 305 -1.03 6.40 3.02
CA THR A 305 0.15 6.03 2.24
C THR A 305 1.33 6.65 2.98
N ARG A 306 2.07 5.82 3.70
CA ARG A 306 3.24 6.36 4.35
C ARG A 306 4.41 6.41 3.36
N LEU A 307 5.39 7.25 3.67
CA LEU A 307 6.60 7.41 2.88
C LEU A 307 7.76 6.80 3.65
N ILE A 308 8.49 5.90 3.02
CA ILE A 308 9.57 5.17 3.67
C ILE A 308 10.86 5.40 2.90
N THR A 309 11.92 5.71 3.63
CA THR A 309 13.24 5.82 3.02
C THR A 309 13.92 4.45 3.11
N GLN A 310 14.20 3.85 1.96
CA GLN A 310 14.80 2.52 1.93
C GLN A 310 15.95 2.49 0.93
N ARG A 311 16.80 1.49 1.08
CA ARG A 311 17.89 1.28 0.14
C ARG A 311 17.33 0.98 -1.24
N VAL A 312 18.05 1.40 -2.26
CA VAL A 312 17.55 1.23 -3.62
C VAL A 312 17.83 -0.19 -4.10
N SER A 313 17.13 -0.61 -5.15
CA SER A 313 17.30 -1.95 -5.67
C SER A 313 18.63 -2.08 -6.40
N GLN A 314 18.88 -3.27 -6.94
CA GLN A 314 20.07 -3.42 -7.77
C GLN A 314 19.83 -2.86 -9.16
N ALA A 315 18.64 -3.12 -9.72
CA ALA A 315 18.32 -2.59 -11.04
C ALA A 315 18.54 -1.09 -11.09
N SER A 316 18.12 -0.37 -10.04
CA SER A 316 18.29 1.07 -10.08
C SER A 316 19.74 1.45 -9.89
N MET A 317 20.46 0.77 -8.99
CA MET A 317 21.88 1.07 -8.84
C MET A 317 22.58 0.92 -10.18
N THR A 318 22.17 -0.07 -10.96
CA THR A 318 22.84 -0.29 -12.25
C THR A 318 22.46 0.76 -13.27
N GLN A 319 21.18 1.16 -13.29
CA GLN A 319 20.76 2.31 -14.08
C GLN A 319 21.66 3.51 -13.79
N ARG A 320 21.82 3.82 -12.51
CA ARG A 320 22.59 4.98 -12.11
C ARG A 320 24.06 4.82 -12.50
N ALA A 321 24.65 3.67 -12.23
CA ALA A 321 26.04 3.46 -12.61
C ALA A 321 26.23 3.62 -14.11
N GLY A 322 25.25 3.16 -14.90
CA GLY A 322 25.34 3.31 -16.34
C GLY A 322 25.11 4.72 -16.83
N ARG A 323 24.48 5.55 -16.01
CA ARG A 323 24.34 6.96 -16.37
C ARG A 323 25.68 7.68 -16.53
N ALA A 324 26.78 7.06 -16.10
CA ALA A 324 28.11 7.67 -16.14
C ALA A 324 28.98 7.12 -17.25
N GLY A 325 28.44 6.24 -18.10
CA GLY A 325 29.21 5.64 -19.17
C GLY A 325 28.81 6.03 -20.59
N ARG A 326 28.00 7.06 -20.77
CA ARG A 326 27.54 7.36 -22.12
C ARG A 326 28.62 8.03 -22.97
N LEU A 327 29.58 8.71 -22.36
CA LEU A 327 30.54 9.51 -23.12
C LEU A 327 31.96 8.96 -23.11
N GLU A 328 32.37 8.28 -22.07
CA GLU A 328 33.72 7.74 -21.98
C GLU A 328 33.78 6.89 -20.73
N PRO A 329 34.84 6.09 -20.55
CA PRO A 329 34.97 5.32 -19.30
C PRO A 329 34.70 6.20 -18.09
N GLY A 330 33.86 5.70 -17.19
CA GLY A 330 33.40 6.47 -16.06
C GLY A 330 33.55 5.78 -14.72
N ILE A 331 32.97 6.39 -13.70
CA ILE A 331 33.08 5.90 -12.33
C ILE A 331 31.76 6.18 -11.60
N SER A 332 31.20 5.14 -11.00
CA SER A 332 30.04 5.29 -10.13
C SER A 332 30.48 4.98 -8.71
N LEU A 333 30.11 5.84 -7.76
CA LEU A 333 30.42 5.65 -6.35
C LEU A 333 29.09 5.56 -5.61
N HIS A 334 28.82 4.40 -5.02
CA HIS A 334 27.60 4.19 -4.25
C HIS A 334 27.91 4.38 -2.78
N LEU A 335 27.12 5.21 -2.11
CA LEU A 335 27.38 5.55 -0.71
C LEU A 335 26.75 4.53 0.23
N ILE A 336 27.10 3.27 -0.02
CA ILE A 336 26.84 2.15 0.89
C ILE A 336 28.02 1.19 0.76
N ALA A 337 28.02 0.16 1.61
CA ALA A 337 29.06 -0.86 1.59
C ALA A 337 28.76 -1.92 0.55
N LYS A 338 29.80 -2.33 -0.17
CA LYS A 338 29.66 -3.35 -1.21
C LYS A 338 28.77 -4.49 -0.75
N GLU A 339 28.96 -4.93 0.51
CA GLU A 339 28.19 -6.04 1.05
C GLU A 339 26.71 -5.71 1.11
N GLN A 340 26.37 -4.51 1.60
CA GLN A 340 24.96 -4.12 1.60
C GLN A 340 24.42 -3.96 0.18
N ALA A 341 25.26 -3.58 -0.78
CA ALA A 341 24.77 -3.44 -2.14
C ALA A 341 24.43 -4.81 -2.71
N GLU A 342 25.25 -5.82 -2.39
CA GLU A 342 25.00 -7.16 -2.87
C GLU A 342 23.78 -7.79 -2.19
N ARG A 343 23.49 -7.39 -0.95
CA ARG A 343 22.26 -7.78 -0.28
C ARG A 343 21.04 -6.99 -0.76
N ALA A 344 21.21 -6.06 -1.70
CA ALA A 344 20.12 -5.18 -2.09
C ALA A 344 19.01 -5.94 -2.82
N ALA A 345 17.80 -5.39 -2.75
CA ALA A 345 16.68 -5.97 -3.50
C ALA A 345 17.05 -6.05 -4.98
N ALA A 346 16.71 -7.18 -5.61
CA ALA A 346 17.02 -7.34 -7.03
C ALA A 346 16.37 -6.25 -7.88
N GLN A 347 15.05 -6.12 -7.80
CA GLN A 347 14.31 -5.14 -8.59
C GLN A 347 13.47 -4.26 -7.67
N SER A 348 12.83 -3.24 -8.27
CA SER A 348 11.91 -2.39 -7.55
C SER A 348 10.52 -3.00 -7.58
N GLU A 349 9.70 -2.59 -6.66
CA GLU A 349 8.36 -3.16 -6.55
C GLU A 349 7.39 -2.37 -7.41
N PRO A 350 6.58 -3.04 -8.24
CA PRO A 350 5.56 -2.31 -8.99
C PRO A 350 4.73 -1.44 -8.05
N GLU A 351 4.46 -0.21 -8.46
CA GLU A 351 3.68 0.68 -7.62
C GLU A 351 2.31 0.11 -7.30
N ILE A 352 1.78 -0.77 -8.17
CA ILE A 352 0.43 -1.28 -7.99
C ILE A 352 0.31 -2.22 -6.79
N LEU A 353 1.42 -2.84 -6.37
CA LEU A 353 1.36 -3.73 -5.22
C LEU A 353 1.45 -3.00 -3.89
N GLN A 354 1.64 -1.68 -3.88
CA GLN A 354 1.82 -0.96 -2.62
C GLN A 354 1.04 0.35 -2.54
N SER A 355 0.11 0.60 -3.44
CA SER A 355 -0.59 1.87 -3.51
C SER A 355 -2.03 1.74 -3.04
N ASP A 356 -2.63 2.90 -2.82
CA ASP A 356 -4.06 2.99 -2.61
C ASP A 356 -4.78 2.80 -3.95
N LEU A 357 -5.70 1.84 -4.00
CA LEU A 357 -6.44 1.52 -5.21
C LEU A 357 -7.88 2.01 -5.18
N SER A 358 -8.18 3.04 -4.39
CA SER A 358 -9.53 3.60 -4.39
C SER A 358 -9.81 4.32 -5.71
N GLY A 359 -8.91 5.18 -6.15
CA GLY A 359 -9.07 5.77 -7.47
C GLY A 359 -9.09 4.71 -8.55
N LEU A 360 -8.25 3.68 -8.41
CA LEU A 360 -8.22 2.61 -9.41
C LEU A 360 -9.51 1.82 -9.40
N LEU A 361 -9.98 1.45 -8.21
CA LEU A 361 -11.23 0.71 -8.14
C LEU A 361 -12.36 1.50 -8.77
N MET A 362 -12.45 2.78 -8.41
CA MET A 362 -13.53 3.60 -8.95
C MET A 362 -13.44 3.69 -10.47
N GLU A 363 -12.22 3.84 -11.00
CA GLU A 363 -12.08 3.95 -12.46
C GLU A 363 -12.46 2.64 -13.15
N LEU A 364 -12.06 1.50 -12.58
CA LEU A 364 -12.45 0.22 -13.17
C LEU A 364 -13.96 -0.01 -13.06
N LEU A 365 -14.61 0.53 -12.03
CA LEU A 365 -16.05 0.40 -11.93
C LEU A 365 -16.74 1.23 -13.00
N GLN A 366 -16.34 2.50 -13.14
CA GLN A 366 -16.92 3.34 -14.20
C GLN A 366 -16.76 2.69 -15.56
N TRP A 367 -15.65 2.00 -15.79
CA TRP A 367 -15.42 1.30 -17.05
C TRP A 367 -16.30 0.08 -17.22
N GLY A 368 -17.14 -0.23 -16.24
CA GLY A 368 -18.03 -1.38 -16.34
C GLY A 368 -17.40 -2.72 -16.01
N CYS A 369 -16.58 -2.79 -14.96
CA CYS A 369 -15.96 -4.03 -14.53
C CYS A 369 -16.73 -4.66 -13.38
N SER A 370 -16.70 -5.99 -13.33
CA SER A 370 -17.24 -6.68 -12.17
C SER A 370 -16.17 -6.81 -11.09
N ASP A 371 -15.05 -7.43 -11.44
CA ASP A 371 -13.88 -7.61 -10.59
C ASP A 371 -12.76 -6.70 -11.04
N PRO A 372 -12.10 -5.98 -10.14
CA PRO A 372 -10.91 -5.22 -10.56
C PRO A 372 -9.82 -6.10 -11.15
N ALA A 373 -9.70 -7.34 -10.71
CA ALA A 373 -8.62 -8.22 -11.16
C ALA A 373 -8.87 -8.83 -12.54
N GLN A 374 -10.09 -8.77 -13.06
CA GLN A 374 -10.41 -9.30 -14.39
C GLN A 374 -10.04 -8.28 -15.47
N MET A 375 -8.74 -8.03 -15.56
CA MET A 375 -8.16 -7.13 -16.54
C MET A 375 -6.77 -7.63 -16.88
N SER A 376 -6.17 -7.03 -17.90
CA SER A 376 -4.83 -7.41 -18.33
C SER A 376 -3.81 -6.72 -17.44
N TRP A 377 -3.35 -7.41 -16.41
CA TRP A 377 -2.38 -6.86 -15.47
C TRP A 377 -1.06 -7.61 -15.58
N LEU A 378 0.05 -6.87 -15.44
CA LEU A 378 1.34 -7.51 -15.19
C LEU A 378 1.35 -8.12 -13.81
N ASP A 379 1.10 -7.31 -12.79
CA ASP A 379 0.88 -7.78 -11.42
C ASP A 379 -0.59 -7.60 -11.07
N GLN A 380 -1.15 -8.60 -10.38
CA GLN A 380 -2.56 -8.55 -10.01
C GLN A 380 -2.74 -7.67 -8.78
N PRO A 381 -3.72 -6.77 -8.80
CA PRO A 381 -3.94 -5.88 -7.64
C PRO A 381 -4.10 -6.67 -6.35
N PRO A 382 -3.31 -6.34 -5.32
CA PRO A 382 -3.39 -7.12 -4.06
C PRO A 382 -4.79 -7.07 -3.48
N VAL A 383 -5.18 -8.18 -2.84
CA VAL A 383 -6.56 -8.34 -2.42
C VAL A 383 -6.87 -7.47 -1.19
N VAL A 384 -5.96 -7.42 -0.23
CA VAL A 384 -6.18 -6.60 0.95
C VAL A 384 -6.42 -5.15 0.56
N ASN A 385 -5.62 -4.64 -0.37
CA ASN A 385 -5.75 -3.23 -0.75
C ASN A 385 -7.03 -2.99 -1.53
N LEU A 386 -7.46 -3.97 -2.34
CA LEU A 386 -8.75 -3.85 -3.02
C LEU A 386 -9.89 -3.81 -2.01
N LEU A 387 -9.78 -4.62 -0.96
CA LEU A 387 -10.78 -4.59 0.09
C LEU A 387 -10.80 -3.23 0.79
N ALA A 388 -9.62 -2.66 1.03
CA ALA A 388 -9.57 -1.33 1.65
C ALA A 388 -10.16 -0.27 0.73
N ALA A 389 -9.87 -0.33 -0.57
CA ALA A 389 -10.49 0.59 -1.53
C ALA A 389 -12.01 0.47 -1.50
N LYS A 390 -12.52 -0.76 -1.49
CA LYS A 390 -13.97 -0.94 -1.45
C LYS A 390 -14.57 -0.37 -0.16
N ARG A 391 -13.92 -0.60 0.98
CA ARG A 391 -14.45 -0.04 2.23
C ARG A 391 -14.44 1.49 2.18
N LEU A 392 -13.35 2.09 1.68
CA LEU A 392 -13.29 3.55 1.55
C LEU A 392 -14.40 4.08 0.64
N LEU A 393 -14.65 3.40 -0.47
CA LEU A 393 -15.71 3.82 -1.38
C LEU A 393 -17.09 3.65 -0.76
N GLN A 394 -17.25 2.70 0.17
CA GLN A 394 -18.53 2.59 0.87
C GLN A 394 -18.70 3.70 1.91
N MET A 395 -17.63 4.03 2.65
CA MET A 395 -17.72 5.13 3.60
C MET A 395 -18.19 6.40 2.92
N LEU A 396 -17.78 6.60 1.66
CA LEU A 396 -18.06 7.82 0.90
C LEU A 396 -19.36 7.72 0.08
N GLY A 397 -20.13 6.65 0.25
CA GLY A 397 -21.38 6.52 -0.46
C GLY A 397 -21.24 6.31 -1.96
N ALA A 398 -20.05 5.93 -2.43
CA ALA A 398 -19.85 5.74 -3.86
C ALA A 398 -20.32 4.37 -4.33
N LEU A 399 -20.65 3.46 -3.43
CA LEU A 399 -21.01 2.10 -3.77
C LEU A 399 -22.46 1.83 -3.41
N GLU A 400 -23.12 1.04 -4.26
CA GLU A 400 -24.46 0.52 -4.03
C GLU A 400 -24.35 -0.98 -4.33
N GLY A 401 -24.13 -1.77 -3.29
CA GLY A 401 -23.83 -3.18 -3.49
C GLY A 401 -22.41 -3.30 -4.00
N GLU A 402 -22.24 -4.00 -5.12
CA GLU A 402 -20.94 -4.08 -5.77
C GLU A 402 -20.78 -3.08 -6.90
N ARG A 403 -21.88 -2.49 -7.36
CA ARG A 403 -21.85 -1.53 -8.44
C ARG A 403 -21.60 -0.13 -7.90
N LEU A 404 -21.41 0.82 -8.81
CA LEU A 404 -21.38 2.22 -8.44
C LEU A 404 -22.81 2.72 -8.26
N SER A 405 -22.97 3.64 -7.33
CA SER A 405 -24.24 4.27 -7.07
C SER A 405 -24.31 5.58 -7.88
N ALA A 406 -25.36 6.37 -7.67
CA ALA A 406 -25.48 7.64 -8.38
C ALA A 406 -24.39 8.62 -7.93
N GLN A 407 -24.27 8.83 -6.62
CA GLN A 407 -23.19 9.66 -6.12
C GLN A 407 -21.84 9.12 -6.57
N GLY A 408 -21.71 7.79 -6.58
CA GLY A 408 -20.46 7.20 -7.02
C GLY A 408 -20.19 7.48 -8.49
N GLN A 409 -21.24 7.50 -9.31
CA GLN A 409 -21.07 7.78 -10.72
C GLN A 409 -20.66 9.24 -10.96
N LYS A 410 -21.20 10.17 -10.17
CA LYS A 410 -20.72 11.56 -10.25
C LYS A 410 -19.25 11.66 -9.85
N MET A 411 -18.88 11.03 -8.74
CA MET A 411 -17.48 11.04 -8.32
C MET A 411 -16.59 10.51 -9.45
N ALA A 412 -16.93 9.33 -9.98
CA ALA A 412 -16.19 8.76 -11.09
C ALA A 412 -16.12 9.72 -12.26
N ALA A 413 -17.16 10.53 -12.44
CA ALA A 413 -17.16 11.56 -13.48
C ALA A 413 -15.99 12.51 -13.32
N LEU A 414 -15.90 13.17 -12.16
CA LEU A 414 -14.90 14.23 -12.01
C LEU A 414 -13.47 13.77 -12.29
N GLY A 415 -13.23 12.45 -12.31
CA GLY A 415 -11.90 11.92 -12.58
C GLY A 415 -10.89 12.37 -11.56
N ASN A 416 -11.22 12.15 -10.29
CA ASN A 416 -10.49 12.71 -9.18
C ASN A 416 -10.15 11.62 -8.16
N ASP A 417 -9.32 11.99 -7.19
CA ASP A 417 -9.17 11.15 -6.02
C ASP A 417 -10.54 11.00 -5.36
N PRO A 418 -10.98 9.78 -5.07
CA PRO A 418 -12.36 9.60 -4.58
C PRO A 418 -12.72 10.45 -3.37
N ARG A 419 -11.81 10.67 -2.42
CA ARG A 419 -12.15 11.53 -1.27
C ARG A 419 -12.49 12.93 -1.75
N LEU A 420 -11.60 13.52 -2.55
CA LEU A 420 -11.85 14.85 -3.08
C LEU A 420 -13.07 14.86 -3.99
N ALA A 421 -13.25 13.81 -4.79
CA ALA A 421 -14.43 13.77 -5.65
C ALA A 421 -15.71 13.79 -4.80
N ALA A 422 -15.72 13.05 -3.69
CA ALA A 422 -16.90 13.01 -2.84
C ALA A 422 -17.12 14.35 -2.16
N MET A 423 -16.03 15.00 -1.77
CA MET A 423 -16.15 16.35 -1.22
C MET A 423 -16.72 17.31 -2.26
N LEU A 424 -16.30 17.17 -3.53
CA LEU A 424 -16.84 18.00 -4.62
C LEU A 424 -18.33 17.74 -4.81
N VAL A 425 -18.73 16.48 -4.82
CA VAL A 425 -20.12 16.14 -5.13
C VAL A 425 -21.06 16.50 -3.98
N SER A 426 -20.59 16.41 -2.72
CA SER A 426 -21.47 16.61 -1.57
C SER A 426 -21.98 18.05 -1.45
N ALA A 427 -21.38 19.00 -2.16
CA ALA A 427 -21.84 20.38 -2.07
C ALA A 427 -23.22 20.51 -2.67
N LYS A 428 -24.05 21.34 -2.02
CA LYS A 428 -25.38 21.69 -2.50
C LYS A 428 -25.41 23.04 -3.20
N ASN A 429 -24.90 24.07 -2.52
CA ASN A 429 -24.82 25.42 -3.07
C ASN A 429 -23.78 25.50 -4.18
N ASP A 430 -23.64 26.69 -4.74
CA ASP A 430 -22.50 26.97 -5.61
C ASP A 430 -21.34 27.53 -4.80
N ASP A 431 -21.64 28.16 -3.66
CA ASP A 431 -20.59 28.58 -2.74
C ASP A 431 -19.85 27.38 -2.16
N GLU A 432 -20.60 26.40 -1.65
CA GLU A 432 -20.01 25.16 -1.17
C GLU A 432 -19.15 24.50 -2.27
N ALA A 433 -19.65 24.52 -3.51
CA ALA A 433 -18.92 23.89 -4.61
C ALA A 433 -17.60 24.58 -4.87
N ALA A 434 -17.58 25.91 -4.86
CA ALA A 434 -16.33 26.64 -5.08
C ALA A 434 -15.34 26.41 -3.93
N THR A 435 -15.84 26.42 -2.69
CA THR A 435 -14.99 26.09 -1.56
C THR A 435 -14.33 24.72 -1.77
N ALA A 436 -15.14 23.72 -2.13
CA ALA A 436 -14.59 22.38 -2.37
C ALA A 436 -13.60 22.38 -3.53
N ALA A 437 -13.88 23.14 -4.59
CA ALA A 437 -12.96 23.22 -5.72
C ALA A 437 -11.59 23.72 -5.27
N LYS A 438 -11.56 24.81 -4.51
CA LYS A 438 -10.26 25.35 -4.10
C LYS A 438 -9.58 24.41 -3.12
N ILE A 439 -10.35 23.81 -2.20
CA ILE A 439 -9.77 22.85 -1.27
C ILE A 439 -9.13 21.70 -2.04
N ALA A 440 -9.81 21.21 -3.07
CA ALA A 440 -9.29 20.11 -3.86
C ALA A 440 -8.01 20.52 -4.59
N ALA A 441 -8.02 21.71 -5.20
CA ALA A 441 -6.81 22.20 -5.84
C ALA A 441 -5.65 22.21 -4.85
N ILE A 442 -5.91 22.59 -3.59
CA ILE A 442 -4.82 22.74 -2.63
C ILE A 442 -4.34 21.38 -2.13
N LEU A 443 -5.26 20.42 -1.98
CA LEU A 443 -4.86 19.10 -1.51
C LEU A 443 -4.15 18.29 -2.59
N GLU A 444 -4.50 18.47 -3.87
CA GLU A 444 -3.75 17.77 -4.91
C GLU A 444 -2.32 18.28 -5.00
N GLU A 445 -2.11 19.58 -4.79
CA GLU A 445 -0.78 20.21 -4.92
C GLU A 445 -0.49 21.04 -3.68
N PRO A 446 -0.22 20.40 -2.55
CA PRO A 446 -0.10 21.14 -1.31
C PRO A 446 0.99 22.19 -1.39
N PRO A 447 0.89 23.25 -0.59
CA PRO A 447 1.96 24.25 -0.55
C PRO A 447 2.99 23.94 0.53
N ARG A 448 4.25 24.25 0.24
CA ARG A 448 5.35 24.07 1.19
C ARG A 448 5.62 25.35 2.00
N MET A 449 4.61 25.83 2.71
CA MET A 449 4.81 26.95 3.62
C MET A 449 5.09 26.42 5.03
N GLY A 450 5.83 27.21 5.81
CA GLY A 450 6.06 26.86 7.20
C GLY A 450 4.83 26.84 8.07
N ASN A 451 3.67 27.23 7.52
CA ASN A 451 2.40 27.21 8.22
C ASN A 451 1.61 25.96 7.84
N SER A 452 0.82 25.46 8.78
CA SER A 452 0.12 24.19 8.60
C SER A 452 -1.39 24.33 8.62
N ASP A 453 -1.92 25.55 8.62
CA ASP A 453 -3.36 25.77 8.56
C ASP A 453 -3.83 25.71 7.12
N LEU A 454 -5.05 25.22 6.94
CA LEU A 454 -5.67 25.15 5.62
C LEU A 454 -6.44 26.42 5.27
N GLY A 455 -6.78 27.24 6.26
CA GLY A 455 -7.47 28.50 5.97
C GLY A 455 -6.56 29.51 5.30
N VAL A 456 -5.30 29.58 5.73
CA VAL A 456 -4.35 30.49 5.10
C VAL A 456 -4.03 30.03 3.68
N ALA A 457 -3.82 28.72 3.48
CA ALA A 457 -3.69 28.20 2.13
C ALA A 457 -4.91 28.56 1.29
N PHE A 458 -6.10 28.32 1.86
CA PHE A 458 -7.34 28.66 1.18
C PHE A 458 -7.39 30.13 0.77
N SER A 459 -6.78 31.03 1.55
CA SER A 459 -6.73 32.43 1.17
C SER A 459 -5.51 32.76 0.31
N ARG A 460 -4.34 32.20 0.65
CA ARG A 460 -3.13 32.45 -0.10
C ARG A 460 -3.36 32.21 -1.60
N ASN A 461 -2.98 33.19 -2.42
CA ASN A 461 -3.22 33.09 -3.84
C ASN A 461 -2.33 32.02 -4.47
N GLN A 462 -2.77 31.51 -5.62
CA GLN A 462 -1.95 30.62 -6.42
C GLN A 462 -2.57 30.55 -7.82
N PRO A 463 -1.78 30.72 -8.88
CA PRO A 463 -2.37 30.62 -10.23
C PRO A 463 -2.78 29.21 -10.62
N ALA A 464 -2.01 28.19 -10.22
CA ALA A 464 -2.33 26.82 -10.59
C ALA A 464 -3.51 26.25 -9.79
N TRP A 465 -3.57 26.57 -8.49
CA TRP A 465 -4.76 26.17 -7.74
C TRP A 465 -6.03 26.73 -8.37
N GLN A 466 -5.98 28.01 -8.78
CA GLN A 466 -7.13 28.63 -9.43
C GLN A 466 -7.44 27.94 -10.76
N GLN A 467 -6.39 27.60 -11.53
CA GLN A 467 -6.56 26.82 -12.77
C GLN A 467 -7.34 25.52 -12.54
N ARG A 468 -6.91 24.73 -11.55
CA ARG A 468 -7.56 23.44 -11.30
C ARG A 468 -8.97 23.61 -10.74
N SER A 469 -9.18 24.63 -9.90
CA SER A 469 -10.53 24.85 -9.36
C SER A 469 -11.49 25.28 -10.46
N GLN A 470 -11.05 26.13 -11.39
CA GLN A 470 -11.86 26.47 -12.56
C GLN A 470 -12.19 25.22 -13.37
N GLN A 471 -11.20 24.35 -13.58
CA GLN A 471 -11.46 23.12 -14.33
C GLN A 471 -12.50 22.25 -13.64
N LEU A 472 -12.35 22.07 -12.32
CA LEU A 472 -13.29 21.24 -11.57
C LEU A 472 -14.67 21.86 -11.55
N LEU A 473 -14.76 23.20 -11.52
CA LEU A 473 -16.06 23.86 -11.52
C LEU A 473 -16.73 23.79 -12.88
N LYS A 474 -15.96 23.73 -13.97
CA LYS A 474 -16.59 23.53 -15.28
C LYS A 474 -17.01 22.08 -15.48
N ARG A 475 -16.24 21.13 -14.93
CA ARG A 475 -16.70 19.74 -14.89
C ARG A 475 -17.96 19.61 -14.05
N LEU A 476 -18.09 20.43 -13.01
CA LEU A 476 -19.28 20.44 -12.16
C LEU A 476 -20.43 21.24 -12.76
N ASN A 477 -20.16 22.14 -13.70
CA ASN A 477 -21.18 22.99 -14.32
C ASN A 477 -21.81 23.97 -13.32
N VAL A 478 -20.96 24.62 -12.53
CA VAL A 478 -21.38 25.69 -11.64
C VAL A 478 -20.78 26.98 -12.17
N ARG A 479 -21.64 27.87 -12.70
CA ARG A 479 -21.16 29.06 -13.42
C ARG A 479 -21.05 30.29 -12.55
N GLY A 480 -21.65 30.29 -11.36
CA GLY A 480 -21.35 31.35 -10.43
C GLY A 480 -21.50 30.92 -9.00
N GLY A 481 -20.46 31.17 -8.22
CA GLY A 481 -20.43 30.86 -6.81
C GLY A 481 -19.33 31.67 -6.18
N GLU A 482 -19.36 31.73 -4.85
CA GLU A 482 -18.33 32.44 -4.11
C GLU A 482 -17.83 31.55 -2.98
N ALA A 483 -16.51 31.56 -2.76
CA ALA A 483 -15.87 30.65 -1.81
C ALA A 483 -15.31 31.44 -0.63
N ASP A 484 -15.73 31.07 0.58
CA ASP A 484 -15.15 31.58 1.82
C ASP A 484 -14.76 30.39 2.67
N SER A 485 -14.08 30.65 3.78
CA SER A 485 -13.47 29.57 4.53
C SER A 485 -14.41 28.91 5.52
N SER A 486 -15.48 29.60 5.94
CA SER A 486 -16.41 29.00 6.90
C SER A 486 -16.96 27.67 6.41
N LEU A 487 -16.84 27.36 5.12
CA LEU A 487 -17.42 26.14 4.56
C LEU A 487 -16.43 24.99 4.45
N ILE A 488 -15.15 25.21 4.76
CA ILE A 488 -14.14 24.16 4.62
C ILE A 488 -14.47 22.96 5.52
N ALA A 489 -14.82 23.20 6.78
CA ALA A 489 -14.91 22.09 7.73
C ALA A 489 -16.07 21.15 7.43
N PRO A 490 -17.30 21.63 7.21
CA PRO A 490 -18.39 20.67 6.94
C PRO A 490 -18.08 19.73 5.79
N LEU A 491 -17.66 20.27 4.63
CA LEU A 491 -17.34 19.45 3.47
C LEU A 491 -16.29 18.39 3.81
N LEU A 492 -15.15 18.81 4.37
CA LEU A 492 -14.13 17.87 4.79
C LEU A 492 -14.71 16.72 5.60
N ALA A 493 -15.68 17.03 6.46
CA ALA A 493 -16.23 16.00 7.35
C ALA A 493 -16.82 14.83 6.57
N GLY A 494 -17.31 15.07 5.36
CA GLY A 494 -17.87 13.98 4.59
C GLY A 494 -16.86 13.05 3.96
N ALA A 495 -15.61 13.52 3.79
CA ALA A 495 -14.60 12.78 3.05
C ALA A 495 -13.38 12.40 3.86
N PHE A 496 -12.97 13.24 4.81
CA PHE A 496 -11.83 13.00 5.68
C PHE A 496 -12.28 12.76 7.12
N ALA A 497 -13.42 12.06 7.26
CA ALA A 497 -14.00 11.85 8.58
C ALA A 497 -13.09 11.01 9.45
N ASP A 498 -12.44 10.01 8.87
CA ASP A 498 -11.50 9.19 9.64
C ASP A 498 -10.23 9.94 10.01
N ARG A 499 -10.12 11.23 9.67
CA ARG A 499 -8.93 12.02 9.98
C ARG A 499 -9.21 13.18 10.94
N ILE A 500 -10.40 13.20 11.56
CA ILE A 500 -10.65 14.15 12.64
C ILE A 500 -9.72 13.80 13.81
N ALA A 501 -9.36 14.82 14.60
CA ALA A 501 -8.33 14.64 15.60
C ALA A 501 -8.60 15.45 16.85
N ARG A 502 -8.35 14.83 18.00
CA ARG A 502 -8.47 15.46 19.31
C ARG A 502 -7.10 15.51 19.97
N ARG A 503 -6.86 16.59 20.73
CA ARG A 503 -5.56 16.81 21.34
C ARG A 503 -5.24 15.76 22.40
N ARG A 504 -3.96 15.75 22.79
CA ARG A 504 -3.44 14.98 23.93
C ARG A 504 -2.64 15.99 24.77
N GLY A 505 -3.30 16.66 25.70
CA GLY A 505 -2.66 17.74 26.43
C GLY A 505 -2.37 18.92 25.51
N GLN A 506 -1.35 19.69 25.89
CA GLN A 506 -0.85 20.82 25.10
C GLN A 506 0.32 20.33 24.26
N ASP A 507 1.03 21.22 23.57
CA ASP A 507 2.22 20.75 22.83
C ASP A 507 1.84 19.65 21.85
N GLY A 508 0.99 20.04 20.89
CA GLY A 508 -0.26 19.47 20.43
C GLY A 508 -0.06 18.24 19.57
N ARG A 509 0.47 17.22 20.28
CA ARG A 509 0.47 15.84 19.78
C ARG A 509 -0.96 15.35 19.95
N TYR A 510 -1.58 14.94 18.84
CA TYR A 510 -3.02 14.73 18.66
C TYR A 510 -3.28 13.22 18.52
N GLN A 511 -4.56 12.88 18.39
CA GLN A 511 -5.01 11.50 18.29
C GLN A 511 -6.09 11.51 17.22
N LEU A 512 -5.89 10.70 16.18
CA LEU A 512 -6.77 10.67 15.03
C LEU A 512 -7.92 9.68 15.22
N ALA A 513 -8.95 9.83 14.39
CA ALA A 513 -10.10 8.93 14.46
C ALA A 513 -9.76 7.51 14.04
N ASN A 514 -8.72 7.31 13.23
CA ASN A 514 -8.32 5.95 12.90
C ASN A 514 -7.34 5.38 13.92
N GLY A 515 -7.13 6.08 15.03
CA GLY A 515 -6.34 5.57 16.13
C GLY A 515 -4.85 5.50 15.92
N MET A 516 -4.26 6.53 15.31
CA MET A 516 -2.81 6.58 15.18
C MET A 516 -2.18 7.85 15.72
N GLY A 517 -2.94 8.93 15.88
CA GLY A 517 -2.41 10.13 16.49
C GLY A 517 -1.46 10.84 15.55
N ALA A 518 -1.29 12.16 15.69
CA ALA A 518 -0.34 12.89 14.86
C ALA A 518 0.37 13.95 15.70
N MET A 519 1.27 14.67 15.04
CA MET A 519 2.03 15.74 15.68
C MET A 519 1.99 17.00 14.84
N LEU A 520 1.79 18.13 15.49
CA LEU A 520 2.13 19.43 14.95
C LEU A 520 3.42 19.91 15.60
N ASP A 521 4.00 20.98 15.07
CA ASP A 521 5.18 21.53 15.73
C ASP A 521 4.74 22.41 16.91
N ALA A 522 5.57 22.42 17.95
CA ALA A 522 5.16 22.88 19.28
C ALA A 522 4.65 24.31 19.31
N ASN A 523 4.81 25.09 18.23
CA ASN A 523 4.38 26.47 18.24
C ASN A 523 3.51 26.82 17.03
N ASP A 524 2.93 25.83 16.36
CA ASP A 524 1.96 26.12 15.31
C ASP A 524 0.74 26.82 15.91
N ALA A 525 0.13 27.70 15.11
CA ALA A 525 -1.04 28.43 15.59
C ALA A 525 -2.15 27.48 16.01
N LEU A 526 -2.19 26.28 15.43
CA LEU A 526 -3.33 25.39 15.63
C LEU A 526 -3.27 24.58 16.91
N SER A 527 -2.10 24.45 17.55
CA SER A 527 -1.98 23.66 18.77
C SER A 527 -2.92 24.12 19.87
N ARG A 528 -3.49 25.32 19.76
CA ARG A 528 -4.41 25.90 20.73
C ARG A 528 -5.84 25.39 20.58
N HIS A 529 -6.10 24.45 19.66
CA HIS A 529 -7.46 24.04 19.31
C HIS A 529 -7.73 22.60 19.73
N GLU A 530 -8.91 22.39 20.30
CA GLU A 530 -9.33 21.06 20.74
C GLU A 530 -9.44 20.09 19.58
N TRP A 531 -10.16 20.47 18.52
CA TRP A 531 -10.52 19.58 17.43
C TRP A 531 -9.94 20.07 16.10
N LEU A 532 -9.05 19.28 15.51
CA LEU A 532 -8.57 19.51 14.16
C LEU A 532 -9.19 18.48 13.22
N ILE A 533 -9.12 18.78 11.94
CA ILE A 533 -9.40 17.78 10.91
C ILE A 533 -8.27 17.90 9.90
N ALA A 534 -7.46 16.85 9.78
CA ALA A 534 -6.19 16.90 9.07
C ALA A 534 -6.20 16.05 7.81
N PRO A 535 -6.49 16.62 6.64
CA PRO A 535 -6.51 15.81 5.41
C PRO A 535 -5.13 15.47 4.87
N LEU A 536 -4.05 16.15 5.26
CA LEU A 536 -2.73 15.84 4.75
C LEU A 536 -1.81 15.47 5.91
N LEU A 537 -1.34 14.21 5.92
CA LEU A 537 -0.50 13.65 6.98
C LEU A 537 0.74 12.99 6.36
N LEU A 538 1.85 13.04 7.09
CA LEU A 538 3.11 12.44 6.68
C LEU A 538 3.59 11.46 7.74
N GLN A 539 3.98 10.27 7.31
CA GLN A 539 4.24 9.15 8.19
C GLN A 539 5.34 8.27 7.60
N GLY A 540 5.81 7.30 8.39
CA GLY A 540 6.75 6.33 7.87
C GLY A 540 8.08 6.25 8.58
N SER A 541 9.14 6.61 7.87
CA SER A 541 10.49 6.52 8.42
C SER A 541 11.44 7.48 7.71
N ARG A 547 5.62 2.71 12.61
CA ARG A 547 4.46 2.93 13.47
C ARG A 547 4.63 4.23 14.26
N ILE A 548 5.85 4.77 14.25
CA ILE A 548 6.08 6.09 14.83
C ILE A 548 5.37 7.16 14.00
N LEU A 549 5.22 8.33 14.62
CA LEU A 549 4.25 9.31 14.16
C LEU A 549 4.51 9.87 12.76
N LEU A 550 3.40 10.02 12.01
CA LEU A 550 2.27 10.90 12.36
C LEU A 550 2.57 12.41 12.53
N ALA A 551 3.04 13.06 11.47
CA ALA A 551 3.21 14.51 11.51
C ALA A 551 2.25 15.20 10.54
N LEU A 552 1.43 16.11 11.08
CA LEU A 552 0.39 16.82 10.33
C LEU A 552 1.00 17.76 9.30
N LEU A 553 0.63 17.58 8.03
CA LEU A 553 1.09 18.45 6.97
C LEU A 553 0.12 19.58 6.64
N VAL A 554 -1.19 19.30 6.57
CA VAL A 554 -2.17 20.36 6.33
C VAL A 554 -3.50 19.93 6.95
N ASP A 555 -4.11 20.85 7.70
CA ASP A 555 -5.30 20.55 8.51
C ASP A 555 -5.97 21.85 8.91
N ILE A 556 -7.27 21.75 9.22
CA ILE A 556 -8.07 22.91 9.56
C ILE A 556 -8.65 22.74 10.95
N ASP A 557 -9.06 23.87 11.53
CA ASP A 557 -9.73 23.94 12.83
C ASP A 557 -11.16 23.41 12.73
N GLU A 558 -11.72 23.03 13.87
CA GLU A 558 -13.05 22.45 13.87
C GLU A 558 -13.68 22.55 15.27
N LEU A 559 -15.00 22.67 15.30
CA LEU A 559 -15.80 22.75 16.52
C LEU A 559 -16.90 21.68 16.44
N VAL A 560 -16.81 20.67 17.30
CA VAL A 560 -17.67 19.51 17.15
C VAL A 560 -19.15 19.84 17.33
N GLN A 561 -19.46 20.92 18.04
CA GLN A 561 -20.86 21.30 18.22
C GLN A 561 -21.56 21.46 16.88
N ARG A 562 -22.77 20.91 16.79
CA ARG A 562 -23.72 21.06 15.68
C ARG A 562 -23.33 20.23 14.46
N CYS A 563 -22.20 19.55 14.50
CA CYS A 563 -21.64 18.86 13.35
C CYS A 563 -22.58 17.79 12.83
N PRO A 564 -22.29 17.25 11.66
CA PRO A 564 -23.16 16.26 11.01
C PRO A 564 -23.13 14.96 11.80
N GLN A 565 -23.80 13.91 11.32
CA GLN A 565 -24.45 12.89 12.12
C GLN A 565 -23.72 11.58 11.90
N LEU A 566 -22.38 11.70 11.92
CA LEU A 566 -21.41 10.64 11.72
C LEU A 566 -20.80 10.17 13.03
N VAL A 567 -21.55 10.27 14.13
CA VAL A 567 -21.08 9.83 15.45
C VAL A 567 -21.91 8.64 15.91
N GLN A 568 -21.25 7.65 16.50
CA GLN A 568 -21.86 6.42 16.97
C GLN A 568 -21.79 6.33 18.49
N GLN A 569 -22.46 5.30 19.02
CA GLN A 569 -22.53 5.05 20.46
C GLN A 569 -21.87 3.72 20.78
N SER A 570 -21.02 3.72 21.79
CA SER A 570 -20.40 2.49 22.27
C SER A 570 -20.69 2.36 23.76
N ASP A 571 -21.55 1.40 24.12
CA ASP A 571 -21.86 1.12 25.50
C ASP A 571 -20.88 0.08 26.03
N THR A 572 -20.57 0.18 27.33
CA THR A 572 -19.64 -0.76 27.95
C THR A 572 -19.90 -0.87 29.45
N VAL A 573 -19.91 -2.10 29.98
CA VAL A 573 -20.20 -2.40 31.39
C VAL A 573 -19.12 -3.36 31.91
N GLU A 574 -18.40 -2.96 32.95
CA GLU A 574 -17.11 -3.61 33.26
C GLU A 574 -16.86 -4.19 34.66
N TRP A 575 -17.38 -3.60 35.75
CA TRP A 575 -16.96 -4.05 37.10
C TRP A 575 -15.44 -3.94 37.35
N ASP A 576 -14.92 -2.72 37.35
CA ASP A 576 -13.49 -2.53 37.61
C ASP A 576 -13.23 -2.65 39.12
N ASP A 577 -12.21 -3.44 39.48
CA ASP A 577 -11.94 -3.87 40.85
C ASP A 577 -11.44 -2.73 41.74
N ALA A 578 -10.61 -1.85 41.20
CA ALA A 578 -9.95 -0.79 41.97
C ALA A 578 -11.02 0.24 42.29
N GLN A 579 -11.47 0.27 43.55
CA GLN A 579 -12.75 0.78 44.06
C GLN A 579 -13.97 -0.12 43.88
N GLY A 580 -13.79 -1.37 43.47
CA GLY A 580 -14.80 -2.40 43.59
C GLY A 580 -16.23 -1.99 43.30
N THR A 581 -16.46 -1.36 42.14
CA THR A 581 -17.78 -0.91 41.72
C THR A 581 -17.98 -1.28 40.25
N LEU A 582 -19.24 -1.17 39.80
CA LEU A 582 -19.54 -1.55 38.43
C LEU A 582 -19.15 -0.41 37.50
N LYS A 583 -19.51 -0.51 36.23
CA LYS A 583 -19.22 0.56 35.29
C LYS A 583 -20.17 0.37 34.11
N ALA A 584 -21.06 1.33 33.88
CA ALA A 584 -21.92 1.30 32.71
C ALA A 584 -21.81 2.65 32.01
N TRP A 585 -20.83 2.77 31.12
CA TRP A 585 -20.63 3.98 30.32
C TRP A 585 -21.30 3.85 28.95
N ARG A 586 -21.74 4.99 28.43
CA ARG A 586 -22.10 5.14 27.03
C ARG A 586 -21.19 6.24 26.49
N ARG A 587 -20.32 5.88 25.55
CA ARG A 587 -19.48 6.85 24.89
C ARG A 587 -20.16 7.29 23.60
N LEU A 588 -20.26 8.60 23.41
CA LEU A 588 -20.54 9.16 22.09
C LEU A 588 -19.18 9.34 21.44
N GLN A 589 -18.87 8.46 20.48
CA GLN A 589 -17.59 8.50 19.77
C GLN A 589 -17.81 8.81 18.29
N ILE A 590 -16.78 9.32 17.66
CA ILE A 590 -16.67 9.30 16.21
C ILE A 590 -15.41 8.50 15.90
N GLY A 591 -15.58 7.20 15.63
CA GLY A 591 -14.44 6.43 15.21
C GLY A 591 -13.26 6.38 16.18
N GLN A 592 -13.41 5.76 17.33
CA GLN A 592 -12.27 5.53 18.24
C GLN A 592 -11.83 6.78 19.01
N LEU A 593 -12.43 7.93 18.76
CA LEU A 593 -12.19 9.15 19.54
C LEU A 593 -13.43 9.42 20.37
N THR A 594 -13.27 9.42 21.69
CA THR A 594 -14.42 9.56 22.60
C THR A 594 -14.79 11.03 22.74
N VAL A 595 -15.96 11.40 22.24
CA VAL A 595 -16.41 12.79 22.38
C VAL A 595 -17.05 13.00 23.74
N LYS A 596 -18.12 12.25 24.03
CA LYS A 596 -18.86 12.37 25.28
C LYS A 596 -18.86 11.06 26.04
N VAL A 597 -18.85 11.15 27.38
CA VAL A 597 -19.07 9.99 28.25
C VAL A 597 -20.29 10.30 29.11
N GLN A 598 -21.29 9.42 29.06
CA GLN A 598 -22.46 9.60 29.90
C GLN A 598 -22.81 8.28 30.55
N PRO A 599 -23.58 8.30 31.64
CA PRO A 599 -24.02 7.05 32.25
C PRO A 599 -24.96 6.30 31.34
N LEU A 600 -24.86 4.97 31.38
CA LEU A 600 -25.73 4.08 30.60
C LEU A 600 -26.98 3.77 31.42
N ALA A 601 -27.86 4.76 31.51
CA ALA A 601 -29.06 4.67 32.31
C ALA A 601 -30.19 4.04 31.50
N LYS A 602 -30.93 3.14 32.14
CA LYS A 602 -32.16 2.62 31.57
C LYS A 602 -31.92 1.97 30.20
N PRO A 603 -30.95 1.06 30.09
CA PRO A 603 -30.65 0.44 28.79
C PRO A 603 -31.52 -0.79 28.52
N SER A 604 -31.77 -1.00 27.23
CA SER A 604 -32.54 -2.15 26.79
C SER A 604 -31.71 -3.42 26.99
N GLU A 605 -32.27 -4.56 26.64
CA GLU A 605 -31.59 -5.82 26.90
C GLU A 605 -30.62 -6.18 25.78
N ASP A 606 -30.89 -5.73 24.56
CA ASP A 606 -29.93 -5.93 23.47
C ASP A 606 -28.67 -5.13 23.75
N GLU A 607 -28.81 -3.81 23.91
CA GLU A 607 -27.74 -3.06 24.53
C GLU A 607 -27.57 -3.57 25.97
N LEU A 608 -26.35 -3.55 26.41
CA LEU A 608 -25.83 -4.08 27.66
C LEU A 608 -25.72 -5.59 27.65
N HIS A 609 -26.26 -6.24 26.61
CA HIS A 609 -25.70 -7.49 26.11
C HIS A 609 -24.49 -7.12 25.29
N GLN A 610 -24.69 -6.20 24.35
CA GLN A 610 -23.58 -5.62 23.63
C GLN A 610 -22.64 -4.88 24.58
N ALA A 611 -23.19 -4.19 25.58
CA ALA A 611 -22.32 -3.50 26.53
C ALA A 611 -21.46 -4.48 27.31
N MET A 612 -22.04 -5.62 27.74
CA MET A 612 -21.22 -6.63 28.39
C MET A 612 -20.20 -7.20 27.41
N LEU A 613 -20.56 -7.33 26.14
CA LEU A 613 -19.60 -7.83 25.16
C LEU A 613 -18.40 -6.91 25.07
N ASN A 614 -18.64 -5.60 24.97
CA ASN A 614 -17.55 -4.63 24.97
C ASN A 614 -16.73 -4.75 26.25
N GLY A 615 -17.40 -4.94 27.39
CA GLY A 615 -16.66 -5.14 28.64
C GLY A 615 -15.73 -6.34 28.58
N ILE A 616 -16.22 -7.47 28.06
CA ILE A 616 -15.38 -8.64 27.87
C ILE A 616 -14.21 -8.30 26.96
N ARG A 617 -14.49 -7.59 25.87
CA ARG A 617 -13.44 -7.25 24.92
C ARG A 617 -12.36 -6.40 25.57
N ASP A 618 -12.71 -5.65 26.61
CA ASP A 618 -11.72 -4.76 27.23
C ASP A 618 -11.04 -5.35 28.46
N LYS A 619 -11.62 -6.36 29.12
CA LYS A 619 -10.96 -6.96 30.29
C LYS A 619 -10.41 -8.37 30.05
N GLY A 620 -10.72 -9.00 28.93
CA GLY A 620 -10.17 -10.30 28.59
C GLY A 620 -11.17 -11.44 28.77
N LEU A 621 -10.91 -12.54 28.06
CA LEU A 621 -11.77 -13.71 28.18
C LEU A 621 -11.65 -14.39 29.54
N SER A 622 -10.60 -14.07 30.32
CA SER A 622 -10.50 -14.59 31.68
C SER A 622 -11.73 -14.28 32.51
N VAL A 623 -12.46 -13.21 32.16
CA VAL A 623 -13.69 -12.85 32.85
C VAL A 623 -14.68 -14.02 32.84
N LEU A 624 -14.93 -14.58 31.67
CA LEU A 624 -15.94 -15.62 31.51
C LEU A 624 -15.61 -16.83 32.38
N ASN A 625 -16.58 -17.73 32.50
CA ASN A 625 -16.49 -18.88 33.41
C ASN A 625 -15.90 -20.08 32.66
N TRP A 626 -14.57 -20.12 32.62
CA TRP A 626 -13.83 -21.18 31.94
C TRP A 626 -13.79 -22.42 32.81
N THR A 627 -14.75 -23.30 32.58
CA THR A 627 -14.84 -24.58 33.28
C THR A 627 -13.94 -25.61 32.60
N ALA A 628 -13.62 -26.68 33.34
CA ALA A 628 -12.67 -27.68 32.86
C ALA A 628 -13.05 -28.24 31.50
N GLU A 629 -14.33 -28.62 31.34
CA GLU A 629 -14.79 -29.08 30.04
C GLU A 629 -14.51 -28.07 28.94
N ALA A 630 -14.63 -26.77 29.25
CA ALA A 630 -14.44 -25.72 28.25
C ALA A 630 -12.97 -25.56 27.88
N GLU A 631 -12.08 -25.53 28.88
CA GLU A 631 -10.66 -25.49 28.59
C GLU A 631 -10.25 -26.68 27.73
N GLN A 632 -10.76 -27.88 28.07
CA GLN A 632 -10.42 -29.05 27.27
C GLN A 632 -10.96 -28.93 25.86
N LEU A 633 -12.13 -28.33 25.69
CA LEU A 633 -12.64 -28.12 24.34
C LEU A 633 -11.73 -27.20 23.54
N ARG A 634 -11.31 -26.08 24.14
CA ARG A 634 -10.41 -25.15 23.44
C ARG A 634 -9.12 -25.87 23.04
N LEU A 635 -8.55 -26.64 23.96
CA LEU A 635 -7.36 -27.41 23.64
C LEU A 635 -7.64 -28.38 22.48
N ARG A 636 -8.80 -29.04 22.50
CA ARG A 636 -9.11 -30.02 21.47
C ARG A 636 -9.25 -29.37 20.11
N LEU A 637 -9.74 -28.12 20.07
CA LEU A 637 -9.87 -27.44 18.79
C LEU A 637 -8.52 -26.97 18.27
N LEU A 638 -7.67 -26.42 19.14
CA LEU A 638 -6.29 -26.19 18.75
C LEU A 638 -5.70 -27.44 18.09
N CYS A 639 -5.81 -28.57 18.79
CA CYS A 639 -5.21 -29.81 18.32
C CYS A 639 -5.83 -30.28 17.00
N ALA A 640 -7.15 -30.15 16.85
CA ALA A 640 -7.79 -30.54 15.60
C ALA A 640 -7.25 -29.71 14.45
N ALA A 641 -7.25 -28.38 14.62
CA ALA A 641 -6.70 -27.52 13.57
C ALA A 641 -5.28 -27.93 13.18
N LYS A 642 -4.49 -28.43 14.13
CA LYS A 642 -3.14 -28.87 13.75
C LYS A 642 -3.04 -30.33 13.29
N TRP A 643 -4.08 -31.15 13.49
CA TRP A 643 -4.02 -32.58 13.18
C TRP A 643 -5.06 -33.04 12.18
N LEU A 644 -6.20 -32.38 12.10
CA LEU A 644 -7.20 -32.65 11.08
C LEU A 644 -7.37 -31.41 10.19
N PRO A 645 -6.30 -31.00 9.48
CA PRO A 645 -6.36 -29.74 8.72
C PRO A 645 -7.49 -29.65 7.70
N GLU A 646 -7.81 -30.75 7.03
CA GLU A 646 -8.71 -30.69 5.87
C GLU A 646 -10.09 -30.14 6.20
N TYR A 647 -10.43 -29.97 7.47
CA TYR A 647 -11.70 -29.42 7.89
C TYR A 647 -11.50 -28.03 8.48
N ASP A 648 -12.51 -27.17 8.32
CA ASP A 648 -12.36 -25.76 8.70
C ASP A 648 -12.62 -25.59 10.21
N TRP A 649 -11.58 -25.79 10.99
CA TRP A 649 -11.71 -25.70 12.44
C TRP A 649 -11.72 -24.23 12.86
N PRO A 650 -12.83 -23.72 13.40
CA PRO A 650 -12.87 -22.33 13.85
C PRO A 650 -11.72 -21.98 14.78
N ALA A 651 -10.90 -20.98 14.45
CA ALA A 651 -9.79 -20.64 15.34
C ALA A 651 -10.30 -20.18 16.69
N VAL A 652 -9.58 -20.57 17.75
CA VAL A 652 -10.02 -20.28 19.11
C VAL A 652 -8.96 -19.55 19.93
N ASP A 653 -8.10 -18.79 19.26
CA ASP A 653 -7.18 -17.92 19.97
C ASP A 653 -7.99 -16.79 20.62
N ASP A 654 -7.34 -16.07 21.56
CA ASP A 654 -8.06 -15.05 22.32
C ASP A 654 -8.60 -13.95 21.40
N GLU A 655 -7.78 -13.46 20.47
CA GLU A 655 -8.22 -12.35 19.64
C GLU A 655 -9.40 -12.75 18.76
N SER A 656 -9.35 -13.94 18.18
CA SER A 656 -10.42 -14.39 17.31
C SER A 656 -11.75 -14.40 18.04
N LEU A 657 -11.78 -15.03 19.22
CA LEU A 657 -13.01 -15.13 19.99
C LEU A 657 -13.48 -13.74 20.44
N LEU A 658 -12.54 -12.86 20.81
CA LEU A 658 -12.96 -11.53 21.23
C LEU A 658 -13.56 -10.73 20.09
N ALA A 659 -13.05 -10.93 18.87
CA ALA A 659 -13.65 -10.26 17.71
C ALA A 659 -14.98 -10.88 17.30
N ALA A 660 -15.16 -12.18 17.56
CA ALA A 660 -16.36 -12.88 17.12
C ALA A 660 -17.41 -13.03 18.22
N LEU A 661 -17.19 -12.44 19.40
CA LEU A 661 -18.18 -12.46 20.47
C LEU A 661 -19.59 -12.24 19.93
N GLU A 662 -19.75 -11.25 19.06
CA GLU A 662 -21.07 -10.98 18.49
C GLU A 662 -21.72 -12.25 17.97
N THR A 663 -20.95 -13.12 17.32
CA THR A 663 -21.52 -14.27 16.63
C THR A 663 -21.47 -15.58 17.42
N TRP A 664 -20.61 -15.71 18.44
CA TRP A 664 -20.52 -16.98 19.15
C TRP A 664 -20.97 -16.93 20.61
N LEU A 665 -20.83 -15.79 21.28
CA LEU A 665 -21.27 -15.68 22.66
C LEU A 665 -22.63 -15.01 22.79
N LEU A 666 -22.94 -14.04 21.93
CA LEU A 666 -24.20 -13.32 22.06
C LEU A 666 -25.41 -14.24 21.97
N PRO A 667 -25.52 -15.14 20.98
CA PRO A 667 -26.71 -16.00 20.87
C PRO A 667 -27.04 -16.75 22.15
N HIS A 668 -26.03 -17.14 22.93
CA HIS A 668 -26.25 -17.92 24.14
C HIS A 668 -26.49 -17.06 25.37
N MET A 669 -26.73 -15.76 25.21
CA MET A 669 -26.84 -14.86 26.33
C MET A 669 -28.26 -14.45 26.68
N THR A 670 -29.23 -14.70 25.80
CA THR A 670 -30.59 -14.25 26.05
C THR A 670 -31.10 -14.84 27.37
N GLY A 671 -31.35 -13.98 28.34
CA GLY A 671 -31.72 -14.42 29.66
C GLY A 671 -30.68 -14.21 30.76
N VAL A 672 -29.65 -13.39 30.52
CA VAL A 672 -28.64 -13.18 31.54
C VAL A 672 -29.02 -12.03 32.48
N HIS A 673 -29.18 -10.83 31.94
CA HIS A 673 -29.74 -9.62 32.54
C HIS A 673 -28.80 -8.94 33.54
N SER A 674 -27.66 -9.54 33.86
CA SER A 674 -26.73 -8.95 34.83
C SER A 674 -25.30 -9.37 34.50
N LEU A 675 -24.34 -8.63 35.04
CA LEU A 675 -22.95 -9.07 34.89
C LEU A 675 -22.66 -10.34 35.70
N ARG A 676 -23.21 -10.44 36.92
CA ARG A 676 -22.97 -11.62 37.73
C ARG A 676 -23.46 -12.88 37.03
N GLY A 677 -24.61 -12.80 36.36
CA GLY A 677 -25.15 -13.96 35.67
C GLY A 677 -24.36 -14.34 34.44
N LEU A 678 -23.67 -13.38 33.84
CA LEU A 678 -22.79 -13.69 32.71
C LEU A 678 -21.49 -14.33 33.19
N LYS A 679 -20.99 -13.89 34.34
CA LYS A 679 -19.74 -14.43 34.86
C LYS A 679 -19.87 -15.87 35.36
N SER A 680 -21.09 -16.38 35.55
CA SER A 680 -21.30 -17.77 35.90
C SER A 680 -21.72 -18.63 34.72
N LEU A 681 -21.91 -18.01 33.55
CA LEU A 681 -22.36 -18.73 32.37
C LEU A 681 -21.33 -19.75 31.92
N ASP A 682 -21.75 -21.00 31.77
CA ASP A 682 -20.89 -22.03 31.19
C ASP A 682 -20.72 -21.75 29.71
N ILE A 683 -19.47 -21.56 29.28
CA ILE A 683 -19.20 -21.23 27.88
C ILE A 683 -18.97 -22.46 27.02
N TYR A 684 -18.96 -23.66 27.61
CA TYR A 684 -18.76 -24.87 26.81
C TYR A 684 -19.73 -24.93 25.64
N GLN A 685 -21.01 -24.62 25.89
CA GLN A 685 -22.02 -24.78 24.84
C GLN A 685 -21.83 -23.77 23.72
N ALA A 686 -21.36 -22.56 24.02
CA ALA A 686 -21.15 -21.56 22.98
C ALA A 686 -19.95 -21.89 22.10
N LEU A 687 -18.83 -22.29 22.73
CA LEU A 687 -17.69 -22.81 21.98
C LEU A 687 -18.11 -23.98 21.10
N ARG A 688 -18.83 -24.95 21.68
CA ARG A 688 -19.31 -26.09 20.91
C ARG A 688 -20.16 -25.63 19.74
N GLY A 689 -20.99 -24.60 19.99
CA GLY A 689 -21.80 -24.03 18.94
C GLY A 689 -20.98 -23.39 17.83
N LEU A 690 -19.72 -23.04 18.11
CA LEU A 690 -18.81 -22.59 17.05
C LEU A 690 -18.71 -23.60 15.91
N LEU A 691 -19.14 -24.84 16.12
CA LEU A 691 -19.11 -25.89 15.13
C LEU A 691 -20.53 -26.24 14.69
N ASP A 692 -20.71 -26.54 13.41
CA ASP A 692 -22.00 -27.03 12.97
C ASP A 692 -22.15 -28.50 13.37
N TRP A 693 -23.39 -28.97 13.39
CA TRP A 693 -23.60 -30.39 13.66
C TRP A 693 -22.78 -31.21 12.68
N GLY A 694 -22.03 -32.17 13.20
CA GLY A 694 -21.24 -33.01 12.33
C GLY A 694 -19.78 -32.66 12.43
N MET A 695 -19.49 -31.37 12.52
CA MET A 695 -18.17 -30.98 12.98
C MET A 695 -18.01 -31.29 14.45
N GLN A 696 -19.09 -31.11 15.23
CA GLN A 696 -19.09 -31.51 16.64
C GLN A 696 -18.97 -33.02 16.77
N GLN A 697 -19.77 -33.77 15.99
CA GLN A 697 -19.66 -35.22 15.98
C GLN A 697 -18.26 -35.65 15.55
N ARG A 698 -17.73 -35.02 14.51
CA ARG A 698 -16.38 -35.33 14.06
C ARG A 698 -15.39 -35.16 15.21
N LEU A 699 -15.47 -34.02 15.91
CA LEU A 699 -14.53 -33.75 17.00
C LEU A 699 -14.75 -34.67 18.20
N ASP A 700 -15.95 -35.21 18.37
CA ASP A 700 -16.20 -36.10 19.50
C ASP A 700 -15.69 -37.50 19.21
N SER A 701 -15.82 -37.97 17.97
CA SER A 701 -15.29 -39.28 17.62
C SER A 701 -13.79 -39.21 17.35
N GLU A 702 -13.39 -38.42 16.36
CA GLU A 702 -11.98 -38.06 16.24
C GLU A 702 -11.64 -37.05 17.33
N LEU A 703 -10.47 -37.20 17.95
CA LEU A 703 -10.15 -36.30 19.06
C LEU A 703 -11.15 -36.45 20.20
N PRO A 704 -11.39 -37.66 20.70
CA PRO A 704 -12.46 -37.85 21.67
C PRO A 704 -12.11 -37.28 23.04
N ALA A 705 -13.15 -37.02 23.83
CA ALA A 705 -12.97 -36.53 25.18
C ALA A 705 -12.31 -37.59 26.06
N HIS A 706 -12.65 -38.86 25.83
CA HIS A 706 -12.17 -39.98 26.63
C HIS A 706 -11.96 -41.19 25.73
N TYR A 707 -10.94 -41.98 26.05
CA TYR A 707 -10.66 -43.22 25.32
C TYR A 707 -11.26 -44.41 26.06
N THR A 708 -11.76 -45.38 25.29
CA THR A 708 -12.39 -46.58 25.83
C THR A 708 -11.36 -47.70 25.74
N VAL A 709 -10.70 -47.97 26.87
CA VAL A 709 -9.66 -48.99 26.96
C VAL A 709 -10.32 -50.36 26.80
N PRO A 710 -9.55 -51.46 26.59
CA PRO A 710 -10.17 -52.76 26.37
C PRO A 710 -10.60 -53.44 27.66
N THR A 711 -11.28 -52.68 28.52
CA THR A 711 -12.03 -53.25 29.63
C THR A 711 -13.38 -52.58 29.83
N GLY A 712 -13.75 -51.64 28.96
CA GLY A 712 -15.00 -50.90 29.14
C GLY A 712 -14.92 -49.71 30.06
N SER A 713 -13.72 -49.31 30.50
CA SER A 713 -13.56 -48.22 31.46
C SER A 713 -13.15 -46.95 30.71
N ARG A 714 -14.12 -46.09 30.41
CA ARG A 714 -13.83 -44.82 29.77
C ARG A 714 -12.85 -44.00 30.62
N ILE A 715 -11.79 -43.52 29.99
CA ILE A 715 -10.75 -42.76 30.68
C ILE A 715 -10.46 -41.48 29.90
N ALA A 716 -10.65 -40.34 30.55
CA ALA A 716 -10.50 -39.07 29.87
C ALA A 716 -9.06 -38.86 29.42
N ILE A 717 -8.91 -38.23 28.23
CA ILE A 717 -7.61 -37.86 27.68
C ILE A 717 -7.29 -36.44 28.10
N ARG A 718 -6.00 -36.15 28.22
CA ARG A 718 -5.51 -34.83 28.58
C ARG A 718 -4.91 -34.19 27.33
N TYR A 719 -5.59 -33.21 26.79
CA TYR A 719 -5.07 -32.48 25.65
C TYR A 719 -4.20 -31.33 26.11
N HIS A 720 -3.37 -30.83 25.19
CA HIS A 720 -2.42 -29.79 25.51
C HIS A 720 -2.15 -28.95 24.26
N GLU A 721 -1.83 -27.68 24.47
CA GLU A 721 -1.48 -26.82 23.34
C GLU A 721 -0.26 -27.38 22.60
N ASP A 722 0.79 -27.69 23.35
CA ASP A 722 2.06 -28.14 22.77
C ASP A 722 2.25 -29.65 22.85
N ASN A 723 1.95 -30.28 23.99
CA ASN A 723 2.31 -31.67 24.20
C ASN A 723 1.31 -32.62 23.54
N PRO A 724 1.73 -33.85 23.29
CA PRO A 724 0.82 -34.86 22.73
C PRO A 724 -0.24 -35.26 23.74
N PRO A 725 -1.37 -35.77 23.28
CA PRO A 725 -2.41 -36.22 24.21
C PRO A 725 -1.94 -37.41 25.03
N ALA A 726 -2.36 -37.43 26.30
CA ALA A 726 -1.91 -38.40 27.29
C ALA A 726 -3.10 -39.09 27.95
N LEU A 727 -2.97 -40.39 28.16
CA LEU A 727 -4.03 -41.24 28.69
C LEU A 727 -3.89 -41.50 30.19
N ALA A 728 -2.75 -42.01 30.67
CA ALA A 728 -2.56 -42.36 32.08
C ALA A 728 -3.57 -43.39 32.60
N VAL A 729 -3.52 -44.59 32.02
CA VAL A 729 -4.40 -45.69 32.35
C VAL A 729 -3.67 -46.69 33.24
N ARG A 730 -4.45 -47.46 34.01
CA ARG A 730 -3.93 -48.26 35.14
C ARG A 730 -3.16 -49.50 34.72
N MET A 731 -3.24 -49.88 33.44
CA MET A 731 -2.38 -50.85 32.74
C MET A 731 -2.66 -52.31 33.09
N GLN A 732 -3.54 -52.54 34.06
CA GLN A 732 -4.26 -53.80 34.11
C GLN A 732 -5.14 -53.92 32.89
N GLU A 733 -5.61 -52.78 32.39
CA GLU A 733 -6.60 -52.67 31.34
C GLU A 733 -6.00 -52.38 29.98
N MET A 734 -4.71 -52.07 29.92
CA MET A 734 -4.02 -51.98 28.62
C MET A 734 -3.32 -53.29 28.29
N PHE A 735 -4.14 -54.33 28.12
CA PHE A 735 -3.68 -55.64 27.67
C PHE A 735 -4.32 -56.08 26.35
N GLY A 736 -5.50 -55.55 26.02
CA GLY A 736 -6.04 -55.67 24.67
C GLY A 736 -5.03 -55.31 23.60
N GLU A 737 -4.24 -54.24 23.81
CA GLU A 737 -3.10 -53.93 22.94
C GLU A 737 -3.50 -53.75 21.47
N ALA A 738 -4.30 -52.75 21.13
CA ALA A 738 -4.97 -52.87 19.84
C ALA A 738 -4.00 -52.66 18.66
N THR A 739 -3.33 -51.50 18.48
CA THR A 739 -1.90 -51.58 18.18
C THR A 739 -0.97 -50.64 18.97
N ASN A 740 -1.46 -49.51 19.49
CA ASN A 740 -1.28 -48.59 20.60
C ASN A 740 -2.52 -47.74 20.37
N PRO A 741 -3.28 -47.31 21.36
CA PRO A 741 -4.42 -46.42 21.05
C PRO A 741 -3.95 -45.22 20.24
N THR A 742 -4.64 -44.94 19.13
CA THR A 742 -4.43 -43.74 18.31
C THR A 742 -5.71 -42.95 18.15
N ILE A 743 -5.56 -41.63 18.06
CA ILE A 743 -6.68 -40.74 17.78
C ILE A 743 -6.35 -39.91 16.54
N ALA A 744 -7.28 -39.03 16.15
CA ALA A 744 -7.13 -38.20 14.96
C ALA A 744 -6.96 -39.04 13.70
N GLN A 745 -7.99 -39.86 13.45
CA GLN A 745 -8.06 -40.72 12.25
C GLN A 745 -6.79 -41.53 12.08
N GLY A 746 -6.16 -41.89 13.20
CA GLY A 746 -5.00 -42.75 13.20
C GLY A 746 -3.67 -42.06 13.01
N ARG A 747 -3.57 -40.76 13.31
CA ARG A 747 -2.36 -39.99 13.04
C ARG A 747 -1.57 -39.63 14.28
N VAL A 748 -2.23 -39.39 15.40
CA VAL A 748 -1.56 -39.07 16.65
C VAL A 748 -1.85 -40.20 17.61
N PRO A 749 -0.84 -40.91 18.10
CA PRO A 749 -1.09 -41.93 19.13
C PRO A 749 -0.98 -41.33 20.53
N LEU A 750 -1.92 -41.71 21.39
CA LEU A 750 -1.91 -41.21 22.76
C LEU A 750 -0.58 -41.51 23.43
N VAL A 751 -0.04 -40.53 24.14
CA VAL A 751 1.08 -40.77 25.03
C VAL A 751 0.52 -41.49 26.25
N LEU A 752 0.83 -42.77 26.39
CA LEU A 752 0.26 -43.56 27.46
C LEU A 752 1.07 -43.35 28.74
N GLU A 753 0.39 -42.95 29.81
CA GLU A 753 0.98 -42.95 31.15
C GLU A 753 0.52 -44.27 31.75
N LEU A 754 1.32 -45.31 31.55
CA LEU A 754 0.87 -46.69 31.68
C LEU A 754 0.37 -47.06 33.07
N LEU A 755 0.53 -46.21 34.08
CA LEU A 755 0.51 -46.69 35.46
C LEU A 755 -0.67 -46.20 36.29
N SER A 756 -0.91 -44.89 36.35
CA SER A 756 -1.88 -44.34 37.29
C SER A 756 -3.32 -44.55 36.81
N GLN A 759 -3.98 -50.19 41.51
CA GLN A 759 -2.52 -50.27 41.42
C GLN A 759 -1.88 -48.91 41.68
N ARG A 760 -0.57 -48.91 41.87
CA ARG A 760 0.11 -47.64 42.07
C ARG A 760 0.64 -47.08 40.76
N PRO A 761 0.85 -45.75 40.72
CA PRO A 761 1.21 -45.05 39.48
C PRO A 761 2.70 -44.96 39.10
N LEU A 762 2.94 -44.26 37.98
CA LEU A 762 4.23 -43.67 37.62
C LEU A 762 5.40 -44.67 37.52
N GLN A 763 5.28 -45.62 36.57
CA GLN A 763 6.35 -46.58 36.34
C GLN A 763 6.92 -46.61 34.92
N ILE A 764 6.13 -46.33 33.87
CA ILE A 764 6.65 -46.04 32.53
C ILE A 764 5.63 -45.25 31.70
N THR A 765 6.09 -44.22 31.00
CA THR A 765 5.32 -43.52 29.98
C THR A 765 5.85 -43.91 28.60
N ARG A 766 4.95 -44.19 27.65
CA ARG A 766 5.42 -44.69 26.37
C ARG A 766 4.41 -44.37 25.27
N ASP A 767 4.86 -44.49 24.01
CA ASP A 767 4.02 -44.16 22.86
C ASP A 767 4.10 -45.16 21.70
N LEU A 768 4.78 -46.30 21.85
CA LEU A 768 4.97 -47.27 20.78
C LEU A 768 4.16 -48.54 20.94
N SER A 769 3.83 -48.93 22.17
CA SER A 769 3.14 -50.19 22.49
C SER A 769 3.90 -51.40 21.98
N ASP A 770 5.19 -51.22 21.65
CA ASP A 770 6.09 -52.30 21.27
C ASP A 770 7.32 -52.35 22.17
N PHE A 771 7.23 -51.80 23.38
CA PHE A 771 8.18 -52.06 24.46
C PHE A 771 7.81 -53.35 25.18
N TRP A 772 6.71 -53.96 24.75
CA TRP A 772 6.32 -55.34 24.99
C TRP A 772 7.14 -56.17 24.02
N LYS A 773 8.20 -56.84 24.50
CA LYS A 773 9.56 -56.98 23.92
C LYS A 773 10.48 -55.78 24.15
N GLY A 774 10.12 -54.82 24.98
CA GLY A 774 11.19 -54.25 25.75
C GLY A 774 10.92 -53.92 27.22
N ALA A 775 9.72 -54.20 27.73
CA ALA A 775 9.45 -53.72 29.07
C ALA A 775 10.40 -54.34 30.07
N TYR A 776 10.30 -55.67 30.26
CA TYR A 776 11.27 -56.75 30.43
C TYR A 776 11.84 -56.59 31.82
N ARG A 777 11.41 -55.50 32.43
CA ARG A 777 11.50 -55.07 33.82
C ARG A 777 10.19 -55.29 34.54
N GLU A 778 9.12 -54.80 33.92
CA GLU A 778 7.80 -54.85 34.52
C GLU A 778 7.23 -56.24 34.25
N VAL A 779 8.03 -57.23 34.65
CA VAL A 779 7.62 -58.60 34.91
C VAL A 779 7.97 -58.98 36.34
N GLN A 780 8.38 -57.99 37.14
CA GLN A 780 8.86 -58.15 38.50
C GLN A 780 7.89 -57.62 39.55
N LYS A 781 6.72 -57.16 39.14
CA LYS A 781 5.84 -56.40 40.03
C LYS A 781 5.54 -57.19 41.29
N GLU A 782 5.07 -56.46 42.30
CA GLU A 782 5.21 -56.85 43.71
C GLU A 782 4.89 -58.33 43.91
N MET A 783 3.69 -58.77 43.57
CA MET A 783 3.45 -60.21 43.60
C MET A 783 4.06 -60.89 42.38
N LYS A 784 3.65 -60.46 41.19
CA LYS A 784 4.13 -60.98 39.91
C LYS A 784 3.61 -60.05 38.83
N GLY A 785 3.89 -60.40 37.58
CA GLY A 785 3.29 -59.66 36.49
C GLY A 785 1.84 -60.03 36.20
N ARG A 786 1.60 -61.28 35.83
CA ARG A 786 0.30 -61.84 35.45
C ARG A 786 -0.19 -61.22 34.16
N TYR A 787 0.63 -60.37 33.55
CA TYR A 787 0.47 -59.65 32.30
C TYR A 787 0.69 -60.47 31.04
N PRO A 788 1.72 -61.31 31.00
CA PRO A 788 2.32 -61.75 29.73
C PRO A 788 1.36 -62.11 28.57
N LYS A 789 1.71 -61.62 27.37
CA LYS A 789 1.30 -62.30 26.13
C LYS A 789 -0.21 -62.47 25.89
N HIS A 790 -0.91 -61.33 25.74
CA HIS A 790 -2.35 -61.27 25.40
C HIS A 790 -3.34 -61.77 26.46
N VAL A 791 -3.20 -61.37 27.72
CA VAL A 791 -4.23 -61.76 28.69
C VAL A 791 -5.57 -61.10 28.32
N TRP A 792 -5.61 -59.78 28.28
CA TRP A 792 -6.84 -58.98 28.00
C TRP A 792 -6.82 -57.72 28.86
#